data_7XTB
#
_entry.id   7XTB
#
loop_
_entity.id
_entity.type
_entity.pdbx_description
1 polymer 'Guanine nucleotide-binding protein G(s) subunit alpha isoforms short'
2 polymer 'Guanine nucleotide-binding protein G(I)/G(S)/G(T) subunit beta-1'
3 polymer 'Guanine nucleotide-binding protein G(I)/G(S)/G(O) subunit gamma-2'
4 polymer Nanobody35
5 polymer 'Soluble cytochrome b562,5-hydroxytryptamine receptor 6'
6 non-polymer SEROTONIN
#
loop_
_entity_poly.entity_id
_entity_poly.type
_entity_poly.pdbx_seq_one_letter_code
_entity_poly.pdbx_strand_id
1 'polypeptide(L)'
;MGCLGNSKTEDQRNEEKAQREANKKIEKQLQKDKQVYRATHRLLLLGAGESGKNTIVKQMRILHVNGFNGEGGEEDPQAA
RSNSDGEKATKVQDIKNNLKEAIETIVAAMSNLVPPVELANPENQFRVDYILSVMNVPDFDFPPEFYEHAKALWEDEGVR
ACYERSNEYQLIDCAQYFLDKIDVIKQADYVPSDQDLLRCRVLTSGIFETKFQVDKVNFHMFDVGAQRDERRKWIQCFND
VTAIIFVVASSSYNMVIREDNQTNRLQAALKLFDSIWNNKWLRDTSVILFLNKQDLLAEKVLAGKSKIEDYFPEFARYTT
PEDATPEPGEDPRVTRAKYFIRDEFLRISTASGDGRHYCYPHFTCAVDTENIRRVFNDCRDIIQRMHLRQYELL
;
A
2 'polypeptide(L)'
;MGSLLQSELDQLRQEAEQLKNQIRDARKACADATLSQITNNIDPVGRIQMRTRRTLRGHLAKIYAMHWGTDSRLLVSASQ
DGKLIIWDSYTTNKVHAIPLRSSWVMTCAYAPSGNYVACGGLDNICSIYNLKTREGNVRVSRELAGHTGYLSCCRFLDDN
QIVTSSGDTTCALWDIETGQQTTTFTGHTGDVMSLSLAPDTRLFVSGACDASAKLWDVREGMCRQTFTGHESDINAICFF
PNGNAFATGSDDATCRLFDLRADQELMTYSHDNIICGITSVSFSKSGRLLLAGYDDFNCNVWDALKADRAGVLAGHDNRV
SCLGVTDDGMAVATGSWDSFLKIWN
;
B
3 'polypeptide(L)' MASNNTASIAQARKLVEQLKMEANIDRIKVSKAAADLMAYCEAHAKEDPLLTPVPASENPFREKKFFCAIL G
4 'polypeptide(L)'
;MQVQLQESGGGLVQPGGSLRLSCAASGFTFSNYKMNWVRQAPGKGLEWVSDISQSGASISYTGSVKGRFTISRDNAKNTL
YLQMNSLKPEDTAVYYCARCPAPFTRDCFDVTSTTYAYRGQGTQVTVSSHHHHHHEPEA
;
N
5 'polypeptide(L)'
;DYKDDDDAKLQTMHHHHHHHHHHHHHHHADLEDNWETLNDNLKVIEKADNAAQVKDALTKMRAAALDAQKATPPKLEDKS
PDSPEMKDFRHGFDILVGQIDDALKLANEGKVKEAQAAAEQLKTTRNAYIQKYLASENLYFQGGTVPEPGPTANSTPAWG
AGPPSAPGGSGWVAAALCVVIALTAAANSLLIALICTQPALRNTSNFFLVSLFTSDLMVGLVVMPPAMLNALYGRWVLAR
GLCLLWTAFDVMCCSASILNLCLISLDRYLLILSPLRYKLRMTPLRALALVLGAWSLAALASFLPLLLGWHELGHARPPV
PGQCRLLASLPFVLVASGLTFFLPSGAICFTYCRILLAARKQAVQVASLTTGMASQASETLQVPRTPRPGVESADSRRLA
TKHSRKALKASLTLGILLGMFFVTWLPFFVANIVQAVCDCISPGLFDVLTWLGYCNSTMNPIIYPLFMRDFKRALGRFLP
CPRCPRERQASLASPSLRTSHSGPRPGLSLQQVLPLPLPPDSDSDSDAGSGGSSGLRLTAQLLLPGEATQDPPLPTRAAA
AVNFFNIDPAEPELRPHPLGIPTN
;
R
#
# COMPACT_ATOMS: atom_id res chain seq x y z
N THR A 9 -16.12 -18.33 39.52
CA THR A 9 -15.01 -18.47 38.54
C THR A 9 -15.27 -19.64 37.58
N GLU A 10 -16.00 -20.64 38.08
CA GLU A 10 -16.30 -21.80 37.25
C GLU A 10 -17.11 -21.39 36.01
N ASP A 11 -18.14 -20.56 36.22
CA ASP A 11 -18.93 -20.08 35.09
C ASP A 11 -18.08 -19.24 34.13
N GLN A 12 -17.22 -18.37 34.66
CA GLN A 12 -16.34 -17.59 33.81
C GLN A 12 -15.34 -18.48 33.09
N ARG A 13 -14.79 -19.48 33.77
CA ARG A 13 -13.86 -20.40 33.13
C ARG A 13 -14.54 -21.18 32.02
N ASN A 14 -15.83 -21.50 32.17
CA ASN A 14 -16.53 -22.21 31.12
C ASN A 14 -16.53 -21.43 29.81
N GLU A 15 -16.77 -20.12 29.88
CA GLU A 15 -16.72 -19.28 28.70
C GLU A 15 -15.29 -19.04 28.22
N GLU A 16 -14.35 -18.89 29.15
CA GLU A 16 -12.96 -18.64 28.76
C GLU A 16 -12.39 -19.82 27.97
N LYS A 17 -12.68 -21.05 28.42
CA LYS A 17 -12.16 -22.21 27.70
C LYS A 17 -12.76 -22.33 26.31
N ALA A 18 -14.06 -22.05 26.18
CA ALA A 18 -14.69 -22.06 24.86
C ALA A 18 -14.08 -20.99 23.97
N GLN A 19 -13.84 -19.80 24.51
CA GLN A 19 -13.20 -18.75 23.73
C GLN A 19 -11.80 -19.17 23.27
N ARG A 20 -11.03 -19.80 24.16
CA ARG A 20 -9.70 -20.27 23.78
C ARG A 20 -9.78 -21.33 22.69
N GLU A 21 -10.72 -22.26 22.79
CA GLU A 21 -10.86 -23.29 21.77
C GLU A 21 -11.24 -22.67 20.43
N ALA A 22 -12.17 -21.71 20.44
CA ALA A 22 -12.56 -21.05 19.19
C ALA A 22 -11.37 -20.29 18.60
N ASN A 23 -10.61 -19.60 19.44
CA ASN A 23 -9.43 -18.88 18.96
C ASN A 23 -8.42 -19.84 18.35
N LYS A 24 -8.22 -21.00 18.97
CA LYS A 24 -7.28 -21.98 18.42
C LYS A 24 -7.75 -22.48 17.06
N LYS A 25 -9.04 -22.79 16.94
CA LYS A 25 -9.54 -23.27 15.66
C LYS A 25 -9.43 -22.19 14.58
N ILE A 26 -9.76 -20.95 14.92
CA ILE A 26 -9.66 -19.86 13.95
C ILE A 26 -8.21 -19.62 13.55
N GLU A 27 -7.29 -19.72 14.51
CA GLU A 27 -5.88 -19.56 14.20
C GLU A 27 -5.39 -20.66 13.26
N LYS A 28 -5.83 -21.90 13.52
CA LYS A 28 -5.46 -22.99 12.62
C LYS A 28 -5.98 -22.76 11.21
N GLN A 29 -7.24 -22.33 11.10
CA GLN A 29 -7.81 -22.06 9.78
C GLN A 29 -7.06 -20.94 9.07
N LEU A 30 -6.73 -19.86 9.81
CA LEU A 30 -6.00 -18.75 9.21
C LEU A 30 -4.61 -19.17 8.77
N GLN A 31 -3.94 -20.00 9.58
CA GLN A 31 -2.63 -20.51 9.18
C GLN A 31 -2.73 -21.35 7.92
N LYS A 32 -3.76 -22.19 7.82
CA LYS A 32 -3.94 -22.99 6.62
C LYS A 32 -4.17 -22.09 5.40
N ASP A 33 -4.99 -21.05 5.56
CA ASP A 33 -5.27 -20.16 4.44
C ASP A 33 -4.08 -19.28 4.08
N LYS A 34 -3.16 -19.04 5.02
CA LYS A 34 -2.03 -18.18 4.74
C LYS A 34 -1.14 -18.77 3.65
N GLN A 35 -0.93 -20.08 3.67
CA GLN A 35 -0.08 -20.71 2.68
C GLN A 35 -0.63 -20.51 1.27
N VAL A 36 -1.94 -20.75 1.10
CA VAL A 36 -2.54 -20.59 -0.22
C VAL A 36 -2.56 -19.11 -0.62
N TYR A 37 -2.80 -18.22 0.33
CA TYR A 37 -2.79 -16.79 0.00
C TYR A 37 -1.42 -16.34 -0.47
N ARG A 38 -0.36 -16.80 0.19
CA ARG A 38 0.99 -16.39 -0.18
C ARG A 38 1.48 -17.10 -1.44
N ALA A 39 0.96 -18.29 -1.73
CA ALA A 39 1.43 -19.07 -2.87
C ALA A 39 0.78 -18.67 -4.18
N THR A 40 -0.16 -17.73 -4.16
CA THR A 40 -0.84 -17.28 -5.37
C THR A 40 -0.48 -15.82 -5.65
N HIS A 41 -0.30 -15.50 -6.93
CA HIS A 41 0.07 -14.16 -7.36
C HIS A 41 -1.15 -13.45 -7.92
N ARG A 42 -1.37 -12.21 -7.47
CA ARG A 42 -2.49 -11.40 -7.91
C ARG A 42 -2.05 -10.47 -9.02
N LEU A 43 -2.84 -10.40 -10.09
CA LEU A 43 -2.53 -9.57 -11.25
C LEU A 43 -3.75 -8.75 -11.63
N LEU A 44 -3.51 -7.56 -12.17
CA LEU A 44 -4.56 -6.66 -12.63
C LEU A 44 -4.45 -6.49 -14.14
N LEU A 45 -5.57 -6.63 -14.83
CA LEU A 45 -5.63 -6.43 -16.27
C LEU A 45 -6.33 -5.10 -16.56
N LEU A 46 -5.68 -4.27 -17.37
CA LEU A 46 -6.21 -2.94 -17.69
C LEU A 46 -5.81 -2.59 -19.12
N GLY A 47 -6.55 -1.66 -19.70
CA GLY A 47 -6.28 -1.22 -21.05
C GLY A 47 -7.33 -0.25 -21.52
N ALA A 48 -7.21 0.12 -22.80
CA ALA A 48 -8.14 1.06 -23.41
C ALA A 48 -9.53 0.45 -23.51
N GLY A 49 -10.49 1.26 -23.94
CA GLY A 49 -11.86 0.82 -24.07
C GLY A 49 -12.04 -0.35 -25.02
N GLU A 50 -11.72 -0.14 -26.29
CA GLU A 50 -11.88 -1.16 -27.32
C GLU A 50 -10.59 -1.93 -27.59
N SER A 51 -9.70 -2.02 -26.60
CA SER A 51 -8.46 -2.75 -26.78
C SER A 51 -8.75 -4.25 -26.93
N GLY A 52 -7.69 -5.02 -27.18
CA GLY A 52 -7.82 -6.44 -27.37
C GLY A 52 -7.76 -7.23 -26.07
N LYS A 53 -8.18 -6.61 -24.97
CA LYS A 53 -8.14 -7.29 -23.68
C LYS A 53 -8.95 -8.58 -23.71
N ASN A 54 -10.13 -8.54 -24.36
CA ASN A 54 -11.00 -9.70 -24.36
C ASN A 54 -10.34 -10.89 -25.04
N THR A 55 -9.71 -10.66 -26.19
CA THR A 55 -9.07 -11.76 -26.91
C THR A 55 -7.96 -12.39 -26.09
N ILE A 56 -7.13 -11.56 -25.43
CA ILE A 56 -6.06 -12.11 -24.60
C ILE A 56 -6.65 -12.87 -23.42
N VAL A 57 -7.73 -12.37 -22.83
CA VAL A 57 -8.34 -13.07 -21.71
C VAL A 57 -8.83 -14.44 -22.12
N LYS A 58 -9.53 -14.52 -23.26
CA LYS A 58 -9.96 -15.83 -23.75
C LYS A 58 -8.78 -16.73 -24.07
N GLN A 59 -7.71 -16.17 -24.65
CA GLN A 59 -6.55 -16.99 -24.97
C GLN A 59 -5.93 -17.60 -23.71
N MET A 60 -5.80 -16.79 -22.65
CA MET A 60 -5.28 -17.35 -21.39
C MET A 60 -6.24 -18.37 -20.80
N ARG A 61 -7.56 -18.10 -20.88
CA ARG A 61 -8.52 -19.02 -20.30
C ARG A 61 -8.43 -20.40 -20.94
N ILE A 62 -8.27 -20.45 -22.26
CA ILE A 62 -8.15 -21.72 -22.96
C ILE A 62 -6.83 -22.38 -22.60
N THR A 204 -23.10 -8.59 -15.38
CA THR A 204 -23.48 -7.42 -14.58
C THR A 204 -22.57 -7.26 -13.37
N SER A 205 -21.75 -8.27 -13.10
CA SER A 205 -20.82 -8.21 -11.97
C SER A 205 -19.77 -7.12 -12.20
N GLY A 206 -19.32 -6.52 -11.11
CA GLY A 206 -18.37 -5.42 -11.18
C GLY A 206 -16.93 -5.83 -11.43
N ILE A 207 -16.61 -7.12 -11.33
CA ILE A 207 -15.25 -7.59 -11.52
C ILE A 207 -15.28 -9.03 -11.97
N PHE A 208 -14.34 -9.39 -12.84
CA PHE A 208 -14.18 -10.76 -13.32
C PHE A 208 -12.80 -11.28 -12.92
N GLU A 209 -12.75 -12.56 -12.57
CA GLU A 209 -11.52 -13.19 -12.11
C GLU A 209 -11.21 -14.40 -12.97
N THR A 210 -9.93 -14.57 -13.31
CA THR A 210 -9.47 -15.69 -14.11
C THR A 210 -8.32 -16.37 -13.38
N LYS A 211 -8.33 -17.71 -13.39
CA LYS A 211 -7.34 -18.51 -12.70
C LYS A 211 -6.59 -19.37 -13.71
N PHE A 212 -5.27 -19.37 -13.63
CA PHE A 212 -4.44 -20.20 -14.49
C PHE A 212 -3.15 -20.53 -13.76
N GLN A 213 -2.51 -21.62 -14.20
CA GLN A 213 -1.29 -22.12 -13.58
C GLN A 213 -0.21 -22.28 -14.63
N VAL A 214 1.00 -21.85 -14.29
CA VAL A 214 2.17 -21.98 -15.16
C VAL A 214 3.30 -22.59 -14.35
N ASP A 215 3.81 -23.73 -14.81
CA ASP A 215 4.91 -24.42 -14.14
C ASP A 215 4.62 -24.62 -12.66
N LYS A 216 3.40 -25.05 -12.35
CA LYS A 216 2.94 -25.29 -10.99
C LYS A 216 2.97 -24.02 -10.14
N VAL A 217 2.84 -22.85 -10.77
CA VAL A 217 2.79 -21.58 -10.07
C VAL A 217 1.38 -21.03 -10.20
N ASN A 218 0.73 -20.79 -9.06
CA ASN A 218 -0.64 -20.30 -9.08
C ASN A 218 -0.67 -18.84 -9.47
N PHE A 219 -1.56 -18.50 -10.41
CA PHE A 219 -1.75 -17.13 -10.86
C PHE A 219 -3.23 -16.78 -10.79
N HIS A 220 -3.52 -15.62 -10.19
CA HIS A 220 -4.88 -15.13 -10.07
C HIS A 220 -4.95 -13.74 -10.68
N MET A 221 -5.81 -13.56 -11.67
CA MET A 221 -5.96 -12.29 -12.38
C MET A 221 -7.38 -11.80 -12.25
N PHE A 222 -7.54 -10.49 -12.14
CA PHE A 222 -8.84 -9.85 -12.01
C PHE A 222 -9.01 -8.81 -13.10
N ASP A 223 -10.15 -8.86 -13.79
CA ASP A 223 -10.48 -7.91 -14.85
C ASP A 223 -11.62 -7.02 -14.38
N VAL A 224 -11.46 -5.71 -14.51
CA VAL A 224 -12.48 -4.77 -14.06
C VAL A 224 -13.71 -4.93 -14.94
N GLY A 225 -14.87 -5.11 -14.31
CA GLY A 225 -16.10 -5.33 -15.03
C GLY A 225 -16.96 -4.07 -15.15
N ALA A 226 -18.19 -4.14 -14.63
CA ALA A 226 -19.12 -3.03 -14.71
C ALA A 226 -18.73 -1.97 -13.69
N GLN A 227 -17.84 -1.08 -14.12
CA GLN A 227 -17.38 0.05 -13.31
C GLN A 227 -17.50 1.33 -14.11
N ARG A 228 -17.70 2.44 -13.40
CA ARG A 228 -17.85 3.73 -14.06
C ARG A 228 -16.52 4.19 -14.65
N ASP A 229 -16.60 5.21 -15.51
CA ASP A 229 -15.41 5.66 -16.22
C ASP A 229 -14.32 6.14 -15.28
N GLU A 230 -14.67 6.73 -14.15
CA GLU A 230 -13.67 7.24 -13.23
C GLU A 230 -12.86 6.10 -12.63
N ARG A 231 -11.56 6.33 -12.46
CA ARG A 231 -10.64 5.30 -11.97
C ARG A 231 -9.80 5.74 -10.78
N ARG A 232 -9.78 7.03 -10.43
CA ARG A 232 -8.86 7.51 -9.41
C ARG A 232 -9.20 7.02 -8.01
N LYS A 233 -10.37 6.41 -7.81
CA LYS A 233 -10.79 5.94 -6.49
C LYS A 233 -10.62 4.44 -6.31
N TRP A 234 -11.17 3.64 -7.21
CA TRP A 234 -11.11 2.19 -7.07
C TRP A 234 -9.78 1.60 -7.54
N ILE A 235 -8.95 2.38 -8.24
CA ILE A 235 -7.65 1.85 -8.67
C ILE A 235 -6.73 1.64 -7.47
N GLN A 236 -6.90 2.43 -6.41
CA GLN A 236 -6.03 2.31 -5.25
C GLN A 236 -6.09 0.94 -4.61
N CYS A 237 -7.17 0.19 -4.83
CA CYS A 237 -7.28 -1.14 -4.23
C CYS A 237 -6.17 -2.06 -4.76
N PHE A 238 -5.87 -1.99 -6.05
CA PHE A 238 -4.87 -2.85 -6.67
C PHE A 238 -3.46 -2.32 -6.48
N ASN A 239 -3.06 -2.09 -5.24
CA ASN A 239 -1.73 -1.60 -4.91
C ASN A 239 -0.80 -2.70 -4.42
N ASP A 240 -1.31 -3.89 -4.14
CA ASP A 240 -0.50 -4.99 -3.66
C ASP A 240 -0.36 -6.11 -4.69
N VAL A 241 -0.87 -5.92 -5.91
CA VAL A 241 -0.76 -6.95 -6.92
C VAL A 241 0.70 -7.10 -7.36
N THR A 242 1.02 -8.29 -7.88
CA THR A 242 2.38 -8.55 -8.34
C THR A 242 2.76 -7.61 -9.48
N ALA A 243 1.85 -7.41 -10.44
CA ALA A 243 2.11 -6.51 -11.55
C ALA A 243 0.78 -6.08 -12.15
N ILE A 244 0.84 -5.01 -12.94
CA ILE A 244 -0.33 -4.47 -13.63
C ILE A 244 -0.11 -4.68 -15.13
N ILE A 245 -1.08 -5.34 -15.77
CA ILE A 245 -1.01 -5.62 -17.19
C ILE A 245 -1.78 -4.51 -17.92
N PHE A 246 -1.06 -3.69 -18.69
CA PHE A 246 -1.65 -2.58 -19.42
C PHE A 246 -1.59 -2.90 -20.91
N VAL A 247 -2.75 -2.88 -21.56
CA VAL A 247 -2.88 -3.22 -22.98
C VAL A 247 -3.35 -1.98 -23.72
N VAL A 248 -2.61 -1.58 -24.75
CA VAL A 248 -2.93 -0.41 -25.55
C VAL A 248 -2.91 -0.81 -27.02
N ALA A 249 -3.94 -0.41 -27.76
CA ALA A 249 -4.01 -0.70 -29.19
C ALA A 249 -3.05 0.21 -29.94
N SER A 250 -2.25 -0.39 -30.83
CA SER A 250 -1.28 0.35 -31.62
C SER A 250 -1.91 0.85 -32.93
N SER A 251 -2.99 1.61 -32.77
CA SER A 251 -3.71 2.17 -33.91
C SER A 251 -4.56 3.36 -33.47
N ASN A 261 -17.01 5.27 -32.20
CA ASN A 261 -16.30 6.47 -31.75
C ASN A 261 -14.82 6.19 -31.58
N GLN A 262 -14.00 6.83 -32.41
CA GLN A 262 -12.55 6.69 -32.35
C GLN A 262 -11.90 8.06 -32.34
N THR A 263 -10.83 8.19 -31.58
CA THR A 263 -10.10 9.45 -31.46
C THR A 263 -8.62 9.11 -31.34
N ASN A 264 -7.82 10.07 -30.89
CA ASN A 264 -6.39 9.84 -30.70
C ASN A 264 -6.19 8.93 -29.50
N ARG A 265 -6.48 7.64 -29.68
CA ARG A 265 -6.42 6.69 -28.56
C ARG A 265 -5.02 6.62 -27.96
N LEU A 266 -4.00 6.67 -28.81
CA LEU A 266 -2.63 6.50 -28.31
C LEU A 266 -2.26 7.59 -27.31
N GLN A 267 -2.66 8.84 -27.59
CA GLN A 267 -2.38 9.91 -26.63
C GLN A 267 -3.11 9.67 -25.32
N ALA A 268 -4.37 9.24 -25.39
CA ALA A 268 -5.12 8.93 -24.17
C ALA A 268 -4.46 7.78 -23.41
N ALA A 269 -3.98 6.77 -24.14
CA ALA A 269 -3.27 5.66 -23.49
C ALA A 269 -2.01 6.16 -22.80
N LEU A 270 -1.26 7.05 -23.46
CA LEU A 270 -0.07 7.62 -22.84
C LEU A 270 -0.41 8.37 -21.56
N LYS A 271 -1.47 9.19 -21.60
CA LYS A 271 -1.87 9.93 -20.42
C LYS A 271 -2.28 9.00 -19.29
N LEU A 272 -3.06 7.96 -19.60
CA LEU A 272 -3.47 7.01 -18.57
C LEU A 272 -2.27 6.28 -17.98
N PHE A 273 -1.33 5.87 -18.82
CA PHE A 273 -0.13 5.20 -18.33
C PHE A 273 0.67 6.12 -17.42
N ASP A 274 0.82 7.39 -17.82
CA ASP A 274 1.53 8.35 -16.98
C ASP A 274 0.84 8.53 -15.63
N SER A 275 -0.49 8.64 -15.64
CA SER A 275 -1.24 8.80 -14.40
C SER A 275 -1.05 7.60 -13.50
N ILE A 276 -1.12 6.38 -14.07
CA ILE A 276 -0.93 5.18 -13.28
C ILE A 276 0.49 5.14 -12.70
N TRP A 277 1.48 5.49 -13.52
CA TRP A 277 2.87 5.43 -13.07
C TRP A 277 3.13 6.42 -11.94
N ASN A 278 2.56 7.62 -12.04
CA ASN A 278 2.85 8.69 -11.09
C ASN A 278 2.00 8.61 -9.83
N ASN A 279 1.06 7.68 -9.75
CA ASN A 279 0.22 7.56 -8.56
C ASN A 279 1.06 7.20 -7.35
N LYS A 280 0.77 7.86 -6.22
CA LYS A 280 1.57 7.65 -5.01
C LYS A 280 1.48 6.21 -4.53
N TRP A 281 0.27 5.63 -4.53
CA TRP A 281 0.09 4.29 -4.02
C TRP A 281 0.54 3.22 -5.02
N LEU A 282 0.64 3.56 -6.30
CA LEU A 282 1.07 2.62 -7.33
C LEU A 282 2.57 2.70 -7.61
N ARG A 283 3.30 3.57 -6.92
CA ARG A 283 4.74 3.69 -7.15
C ARG A 283 5.48 2.42 -6.78
N ASP A 284 4.91 1.57 -5.93
CA ASP A 284 5.54 0.33 -5.52
C ASP A 284 5.15 -0.86 -6.38
N THR A 285 4.29 -0.65 -7.38
CA THR A 285 3.80 -1.72 -8.24
C THR A 285 4.35 -1.55 -9.65
N SER A 286 4.92 -2.63 -10.18
CA SER A 286 5.40 -2.62 -11.56
C SER A 286 4.24 -2.83 -12.53
N VAL A 287 4.39 -2.28 -13.73
CA VAL A 287 3.37 -2.35 -14.76
C VAL A 287 3.94 -3.07 -15.96
N ILE A 288 3.24 -4.10 -16.43
CA ILE A 288 3.62 -4.83 -17.63
C ILE A 288 2.84 -4.24 -18.80
N LEU A 289 3.55 -3.80 -19.82
CA LEU A 289 2.97 -3.08 -20.96
C LEU A 289 2.93 -4.00 -22.17
N PHE A 290 1.75 -4.11 -22.78
CA PHE A 290 1.53 -4.92 -23.96
C PHE A 290 1.14 -4.01 -25.11
N LEU A 291 1.94 -4.01 -26.17
CA LEU A 291 1.63 -3.25 -27.39
C LEU A 291 0.87 -4.19 -28.33
N ASN A 292 -0.45 -4.11 -28.31
CA ASN A 292 -1.29 -5.02 -29.07
C ASN A 292 -1.58 -4.47 -30.46
N LYS A 293 -2.18 -5.32 -31.30
CA LYS A 293 -2.56 -4.94 -32.66
C LYS A 293 -1.36 -4.46 -33.47
N GLN A 294 -0.22 -5.13 -33.28
CA GLN A 294 0.96 -4.78 -34.06
C GLN A 294 0.80 -5.19 -35.51
N ASP A 295 0.13 -6.32 -35.77
CA ASP A 295 -0.12 -6.74 -37.14
C ASP A 295 -0.94 -5.71 -37.89
N LEU A 296 -1.98 -5.17 -37.26
CA LEU A 296 -2.76 -4.10 -37.88
C LEU A 296 -1.92 -2.85 -38.10
N LEU A 297 -0.99 -2.55 -37.19
CA LEU A 297 -0.09 -1.42 -37.40
C LEU A 297 0.76 -1.64 -38.64
N ALA A 298 1.22 -2.87 -38.86
CA ALA A 298 2.00 -3.16 -40.06
C ALA A 298 1.20 -2.89 -41.33
N GLU A 299 -0.06 -3.34 -41.36
CA GLU A 299 -0.89 -3.09 -42.54
C GLU A 299 -1.15 -1.60 -42.72
N LYS A 300 -1.42 -0.89 -41.63
CA LYS A 300 -1.67 0.55 -41.72
C LYS A 300 -0.44 1.30 -42.20
N VAL A 301 0.75 0.86 -41.83
CA VAL A 301 1.98 1.49 -42.29
C VAL A 301 2.25 1.18 -43.76
N LEU A 302 2.05 -0.09 -44.17
CA LEU A 302 2.34 -0.47 -45.54
C LEU A 302 1.29 0.05 -46.53
N ALA A 303 0.09 0.35 -46.05
CA ALA A 303 -0.99 0.77 -46.94
C ALA A 303 -0.79 2.17 -47.49
N GLY A 304 0.19 2.91 -47.00
CA GLY A 304 0.39 4.30 -47.42
C GLY A 304 -0.29 5.32 -46.52
N LYS A 305 -1.58 5.13 -46.27
CA LYS A 305 -2.27 5.97 -45.29
C LYS A 305 -1.65 5.75 -43.92
N SER A 306 -1.36 6.85 -43.23
CA SER A 306 -0.62 6.80 -41.97
C SER A 306 -1.30 7.70 -40.94
N LYS A 307 -1.08 7.36 -39.67
CA LYS A 307 -1.65 8.07 -38.53
C LYS A 307 -0.59 8.70 -37.63
N ILE A 308 0.44 7.94 -37.29
CA ILE A 308 1.47 8.45 -36.38
C ILE A 308 2.21 9.63 -37.01
N GLU A 309 2.60 9.49 -38.28
CA GLU A 309 3.31 10.58 -38.95
C GLU A 309 2.45 11.84 -39.01
N ASP A 310 1.13 11.68 -38.94
CA ASP A 310 0.24 12.83 -39.02
C ASP A 310 0.10 13.50 -37.66
N TYR A 311 -0.27 12.74 -36.63
CA TYR A 311 -0.48 13.33 -35.31
C TYR A 311 0.79 13.39 -34.47
N PHE A 312 1.77 12.53 -34.74
CA PHE A 312 3.04 12.60 -34.01
C PHE A 312 4.08 13.26 -34.90
N PRO A 313 4.52 14.49 -34.60
CA PRO A 313 5.50 15.16 -35.47
C PRO A 313 6.92 14.68 -35.23
N GLU A 314 7.23 14.29 -34.00
CA GLU A 314 8.58 13.85 -33.67
C GLU A 314 8.98 12.57 -34.41
N PHE A 315 8.01 11.85 -34.98
CA PHE A 315 8.33 10.62 -35.69
C PHE A 315 9.20 10.90 -36.91
N ALA A 316 9.05 12.07 -37.53
CA ALA A 316 9.84 12.39 -38.71
C ALA A 316 11.33 12.44 -38.37
N ARG A 317 11.68 13.03 -37.23
CA ARG A 317 13.06 13.16 -36.81
C ARG A 317 13.58 11.93 -36.07
N TYR A 318 12.71 10.96 -35.79
CA TYR A 318 13.12 9.77 -35.05
C TYR A 318 14.02 8.88 -35.91
N THR A 319 14.92 8.16 -35.24
CA THR A 319 15.80 7.21 -35.89
C THR A 319 15.71 5.87 -35.16
N THR A 320 15.79 4.79 -35.91
CA THR A 320 15.69 3.46 -35.32
C THR A 320 16.89 3.22 -34.41
N PRO A 321 16.68 2.85 -33.14
CA PRO A 321 17.83 2.61 -32.26
C PRO A 321 18.68 1.43 -32.75
N GLU A 322 19.98 1.51 -32.49
CA GLU A 322 20.88 0.43 -32.86
C GLU A 322 20.61 -0.84 -32.05
N ASP A 323 20.04 -0.71 -30.85
CA ASP A 323 19.71 -1.86 -30.03
C ASP A 323 18.51 -2.64 -30.57
N ALA A 324 17.82 -2.11 -31.58
CA ALA A 324 16.65 -2.79 -32.11
C ALA A 324 17.01 -4.16 -32.64
N THR A 325 16.12 -5.12 -32.44
CA THR A 325 16.28 -6.50 -32.89
C THR A 325 15.03 -6.92 -33.65
N PRO A 326 14.78 -6.31 -34.81
CA PRO A 326 13.57 -6.63 -35.56
C PRO A 326 13.61 -8.04 -36.13
N GLU A 327 12.41 -8.62 -36.30
CA GLU A 327 12.29 -9.94 -36.90
C GLU A 327 12.47 -9.86 -38.41
N PRO A 328 12.81 -10.97 -39.05
CA PRO A 328 12.94 -10.96 -40.52
C PRO A 328 11.58 -10.82 -41.20
N GLY A 329 11.61 -10.29 -42.42
CA GLY A 329 10.43 -10.20 -43.26
C GLY A 329 9.58 -8.96 -43.04
N GLU A 330 10.03 -8.01 -42.23
CA GLU A 330 9.29 -6.78 -41.97
C GLU A 330 10.12 -5.59 -42.40
N ASP A 331 9.49 -4.63 -43.07
CA ASP A 331 10.19 -3.48 -43.62
C ASP A 331 10.65 -2.55 -42.51
N PRO A 332 11.62 -1.66 -42.80
CA PRO A 332 12.11 -0.75 -41.75
C PRO A 332 11.03 0.16 -41.17
N ARG A 333 10.00 0.49 -41.94
CA ARG A 333 9.02 1.47 -41.48
C ARG A 333 8.24 0.96 -40.26
N VAL A 334 7.75 -0.28 -40.32
CA VAL A 334 6.96 -0.82 -39.22
C VAL A 334 7.81 -0.93 -37.97
N THR A 335 9.05 -1.41 -38.11
CA THR A 335 9.95 -1.51 -36.97
C THR A 335 10.23 -0.14 -36.37
N ARG A 336 10.46 0.86 -37.23
CA ARG A 336 10.73 2.20 -36.75
C ARG A 336 9.54 2.74 -35.97
N ALA A 337 8.32 2.56 -36.48
CA ALA A 337 7.14 3.04 -35.77
C ALA A 337 6.97 2.31 -34.44
N LYS A 338 7.16 0.98 -34.43
CA LYS A 338 6.99 0.21 -33.21
C LYS A 338 7.98 0.68 -32.15
N TYR A 339 9.25 0.83 -32.53
CA TYR A 339 10.26 1.27 -31.57
C TYR A 339 10.04 2.72 -31.16
N PHE A 340 9.47 3.55 -32.04
CA PHE A 340 9.14 4.91 -31.64
C PHE A 340 8.08 4.91 -30.55
N ILE A 341 7.04 4.09 -30.72
CA ILE A 341 6.02 3.99 -29.67
C ILE A 341 6.63 3.44 -28.39
N ARG A 342 7.50 2.43 -28.51
CA ARG A 342 8.14 1.85 -27.34
C ARG A 342 8.96 2.90 -26.61
N ASP A 343 9.72 3.72 -27.36
CA ASP A 343 10.52 4.76 -26.72
C ASP A 343 9.65 5.85 -26.12
N GLU A 344 8.50 6.15 -26.74
CA GLU A 344 7.58 7.11 -26.15
C GLU A 344 7.09 6.61 -24.78
N PHE A 345 6.78 5.32 -24.69
CA PHE A 345 6.40 4.76 -23.39
C PHE A 345 7.57 4.76 -22.40
N LEU A 346 8.76 4.38 -22.86
CA LEU A 346 9.91 4.31 -21.95
C LEU A 346 10.31 5.68 -21.42
N ARG A 347 10.14 6.73 -22.23
CA ARG A 347 10.47 8.07 -21.74
C ARG A 347 9.63 8.41 -20.52
N ILE A 348 8.32 8.18 -20.59
CA ILE A 348 7.45 8.46 -19.45
C ILE A 348 7.79 7.54 -18.29
N SER A 349 8.02 6.25 -18.57
CA SER A 349 8.28 5.31 -17.49
C SER A 349 9.63 5.51 -16.82
N THR A 350 10.57 6.21 -17.46
CA THR A 350 11.91 6.39 -16.93
C THR A 350 12.23 7.81 -16.51
N ALA A 351 11.37 8.78 -16.83
CA ALA A 351 11.65 10.15 -16.41
C ALA A 351 11.78 10.26 -14.90
N SER A 352 10.92 9.56 -14.15
CA SER A 352 10.99 9.64 -12.70
C SER A 352 12.31 9.10 -12.17
N GLY A 353 12.76 7.96 -12.69
CA GLY A 353 14.00 7.37 -12.23
C GLY A 353 14.00 6.96 -10.78
N ASP A 354 12.82 6.67 -10.22
CA ASP A 354 12.74 6.28 -8.82
C ASP A 354 13.47 4.97 -8.57
N GLY A 355 13.31 3.99 -9.46
CA GLY A 355 13.92 2.70 -9.31
C GLY A 355 13.14 1.71 -8.47
N ARG A 356 12.03 2.12 -7.87
CA ARG A 356 11.22 1.21 -7.07
C ARG A 356 10.41 0.26 -7.95
N HIS A 357 9.96 0.72 -9.12
CA HIS A 357 9.19 -0.09 -10.05
C HIS A 357 9.72 0.13 -11.46
N TYR A 358 9.52 -0.87 -12.30
CA TYR A 358 10.05 -0.88 -13.66
C TYR A 358 8.97 -1.31 -14.63
N CYS A 359 9.20 -1.01 -15.91
CA CYS A 359 8.28 -1.33 -16.99
C CYS A 359 8.86 -2.44 -17.87
N TYR A 360 7.97 -3.27 -18.39
CA TYR A 360 8.35 -4.41 -19.23
C TYR A 360 7.57 -4.35 -20.54
N PRO A 361 8.04 -3.57 -21.51
CA PRO A 361 7.32 -3.48 -22.79
C PRO A 361 7.35 -4.80 -23.54
N HIS A 362 6.32 -5.02 -24.34
CA HIS A 362 6.20 -6.23 -25.14
C HIS A 362 5.41 -5.94 -26.40
N PHE A 363 5.85 -6.53 -27.52
CA PHE A 363 5.14 -6.47 -28.78
C PHE A 363 4.43 -7.80 -28.98
N THR A 364 3.10 -7.81 -28.81
CA THR A 364 2.31 -9.03 -28.85
C THR A 364 1.11 -8.84 -29.76
N CYS A 365 0.78 -9.89 -30.50
CA CYS A 365 -0.41 -9.90 -31.34
C CYS A 365 -1.62 -10.36 -30.52
N ALA A 366 -2.81 -10.04 -31.01
CA ALA A 366 -4.02 -10.42 -30.30
C ALA A 366 -4.11 -11.93 -30.14
N VAL A 367 -3.87 -12.68 -31.22
CA VAL A 367 -3.87 -14.14 -31.18
C VAL A 367 -2.42 -14.57 -31.06
N ASP A 368 -1.95 -14.70 -29.81
CA ASP A 368 -0.59 -15.11 -29.52
C ASP A 368 -0.61 -16.17 -28.43
N THR A 369 0.08 -17.28 -28.68
CA THR A 369 0.07 -18.40 -27.73
C THR A 369 0.97 -18.14 -26.52
N GLU A 370 2.10 -17.45 -26.73
CA GLU A 370 3.13 -17.33 -25.70
C GLU A 370 2.92 -16.11 -24.80
N ASN A 371 1.74 -15.51 -24.80
CA ASN A 371 1.48 -14.40 -23.88
C ASN A 371 1.58 -14.85 -22.43
N ILE A 372 1.08 -16.06 -22.13
CA ILE A 372 1.19 -16.58 -20.78
C ILE A 372 2.64 -16.67 -20.34
N ARG A 373 3.51 -17.12 -21.25
CA ARG A 373 4.94 -17.20 -20.93
C ARG A 373 5.53 -15.81 -20.70
N ARG A 374 5.12 -14.82 -21.50
CA ARG A 374 5.59 -13.46 -21.28
C ARG A 374 5.21 -12.98 -19.88
N VAL A 375 3.95 -13.19 -19.50
CA VAL A 375 3.50 -12.76 -18.18
C VAL A 375 4.24 -13.49 -17.08
N PHE A 376 4.45 -14.80 -17.25
CA PHE A 376 5.17 -15.59 -16.24
C PHE A 376 6.60 -15.09 -16.07
N ASN A 377 7.28 -14.83 -17.20
CA ASN A 377 8.65 -14.34 -17.12
C ASN A 377 8.69 -12.97 -16.45
N ASP A 378 7.75 -12.09 -16.79
CA ASP A 378 7.74 -10.77 -16.18
C ASP A 378 7.50 -10.86 -14.67
N CYS A 379 6.57 -11.72 -14.25
CA CYS A 379 6.30 -11.87 -12.82
C CYS A 379 7.50 -12.46 -12.09
N ARG A 380 8.14 -13.46 -12.69
CA ARG A 380 9.34 -14.03 -12.08
C ARG A 380 10.41 -12.96 -11.92
N ASP A 381 10.64 -12.16 -12.97
CA ASP A 381 11.65 -11.12 -12.90
C ASP A 381 11.29 -10.09 -11.83
N ILE A 382 10.01 -9.73 -11.73
CA ILE A 382 9.60 -8.71 -10.76
C ILE A 382 9.84 -9.21 -9.34
N ILE A 383 9.40 -10.43 -9.04
CA ILE A 383 9.53 -10.94 -7.68
C ILE A 383 11.00 -11.15 -7.34
N GLN A 384 11.78 -11.65 -8.30
CA GLN A 384 13.22 -11.85 -8.10
C GLN A 384 13.94 -10.52 -7.86
N ARG A 385 13.59 -9.49 -8.63
CA ARG A 385 14.20 -8.19 -8.44
C ARG A 385 13.84 -7.62 -7.08
N MET A 386 12.59 -7.83 -6.65
CA MET A 386 12.19 -7.43 -5.32
C MET A 386 13.02 -8.13 -4.25
N HIS A 387 13.30 -9.42 -4.44
CA HIS A 387 14.12 -10.15 -3.48
C HIS A 387 15.55 -9.61 -3.44
N LEU A 388 16.16 -9.35 -4.60
CA LEU A 388 17.49 -8.76 -4.59
C LEU A 388 17.49 -7.41 -3.90
N ARG A 389 16.47 -6.59 -4.15
CA ARG A 389 16.36 -5.31 -3.46
C ARG A 389 16.26 -5.52 -1.95
N GLN A 390 15.48 -6.53 -1.53
CA GLN A 390 15.34 -6.81 -0.11
C GLN A 390 16.68 -7.16 0.52
N TYR A 391 17.47 -8.01 -0.15
CA TYR A 391 18.79 -8.36 0.37
C TYR A 391 19.84 -7.29 0.12
N GLU A 392 19.44 -6.07 -0.19
CA GLU A 392 20.29 -4.88 -0.18
C GLU A 392 21.27 -4.86 -1.35
N LEU A 393 21.13 -5.78 -2.30
CA LEU A 393 22.06 -5.83 -3.44
C LEU A 393 21.79 -4.69 -4.42
N LEU A 394 20.59 -4.63 -4.97
CA LEU A 394 20.22 -3.59 -5.92
C LEU A 394 19.86 -2.30 -5.20
N GLU B 8 -34.72 26.36 -23.18
CA GLU B 8 -33.36 26.77 -23.61
C GLU B 8 -32.34 26.46 -22.52
N LEU B 9 -31.23 25.82 -22.91
CA LEU B 9 -30.20 25.48 -21.94
C LEU B 9 -29.60 26.71 -21.30
N ASP B 10 -29.36 27.76 -22.09
CA ASP B 10 -28.79 28.98 -21.55
C ASP B 10 -29.69 29.63 -20.51
N GLN B 11 -31.01 29.55 -20.67
CA GLN B 11 -31.94 30.11 -19.71
C GLN B 11 -31.95 29.33 -18.40
N LEU B 12 -31.99 27.99 -18.48
CA LEU B 12 -31.97 27.18 -17.27
C LEU B 12 -30.65 27.34 -16.52
N ARG B 13 -29.53 27.35 -17.25
CA ARG B 13 -28.23 27.49 -16.61
C ARG B 13 -27.99 28.88 -16.05
N GLN B 14 -28.73 29.89 -16.51
CA GLN B 14 -28.67 31.22 -15.90
C GLN B 14 -29.60 31.33 -14.70
N GLU B 15 -30.77 30.68 -14.76
CA GLU B 15 -31.65 30.63 -13.60
C GLU B 15 -30.96 29.88 -12.46
N ALA B 16 -30.22 28.83 -12.78
CA ALA B 16 -29.46 28.12 -11.75
C ALA B 16 -28.42 29.02 -11.11
N GLU B 17 -27.72 29.81 -11.92
CA GLU B 17 -26.74 30.76 -11.36
C GLU B 17 -27.42 31.79 -10.47
N GLN B 18 -28.57 32.30 -10.90
CA GLN B 18 -29.30 33.27 -10.07
C GLN B 18 -29.72 32.65 -8.75
N LEU B 19 -30.23 31.42 -8.78
CA LEU B 19 -30.64 30.75 -7.55
C LEU B 19 -29.45 30.50 -6.64
N LYS B 20 -28.30 30.11 -7.22
CA LYS B 20 -27.11 29.90 -6.41
C LYS B 20 -26.65 31.19 -5.76
N ASN B 21 -26.68 32.30 -6.51
CA ASN B 21 -26.33 33.60 -5.93
C ASN B 21 -27.27 33.97 -4.80
N GLN B 22 -28.57 33.74 -5.00
CA GLN B 22 -29.53 34.04 -3.94
C GLN B 22 -29.27 33.20 -2.70
N ILE B 23 -28.95 31.92 -2.89
CA ILE B 23 -28.65 31.04 -1.76
C ILE B 23 -27.40 31.52 -1.03
N ARG B 24 -26.38 31.92 -1.80
CA ARG B 24 -25.16 32.44 -1.18
C ARG B 24 -25.46 33.68 -0.36
N ASP B 25 -26.27 34.60 -0.90
CA ASP B 25 -26.61 35.81 -0.18
C ASP B 25 -27.38 35.48 1.10
N ALA B 26 -28.33 34.54 1.02
CA ALA B 26 -29.10 34.16 2.20
C ALA B 26 -28.20 33.54 3.26
N ARG B 27 -27.27 32.67 2.85
CA ARG B 27 -26.34 32.07 3.81
C ARG B 27 -25.45 33.12 4.45
N LYS B 28 -24.97 34.08 3.66
CA LYS B 28 -24.12 35.14 4.21
C LYS B 28 -24.89 35.99 5.20
N ALA B 29 -26.17 36.28 4.91
CA ALA B 29 -26.94 37.17 5.77
C ALA B 29 -27.03 36.63 7.20
N CYS B 30 -26.98 35.31 7.36
CA CYS B 30 -27.11 34.70 8.69
C CYS B 30 -25.80 34.60 9.45
N ALA B 31 -24.68 34.96 8.84
CA ALA B 31 -23.36 34.81 9.47
C ALA B 31 -22.92 36.14 10.07
N ASP B 32 -23.59 36.52 11.16
CA ASP B 32 -23.17 37.72 11.90
C ASP B 32 -21.94 37.46 12.74
N ALA B 33 -21.67 36.20 13.09
CA ALA B 33 -20.52 35.86 13.92
C ALA B 33 -20.03 34.47 13.55
N THR B 34 -18.80 34.17 13.96
CA THR B 34 -18.16 32.90 13.67
C THR B 34 -17.97 32.10 14.96
N LEU B 35 -18.07 30.78 14.84
CA LEU B 35 -17.91 29.91 16.00
C LEU B 35 -16.53 30.05 16.63
N SER B 36 -15.51 30.28 15.81
CA SER B 36 -14.15 30.39 16.35
C SER B 36 -14.04 31.57 17.31
N GLN B 37 -14.63 32.71 16.96
CA GLN B 37 -14.55 33.89 17.82
C GLN B 37 -15.24 33.63 19.16
N ILE B 38 -16.42 33.00 19.13
CA ILE B 38 -17.17 32.78 20.36
C ILE B 38 -16.46 31.76 21.25
N THR B 39 -15.86 30.74 20.64
CA THR B 39 -15.24 29.66 21.40
C THR B 39 -13.98 30.08 22.15
N ASN B 40 -13.48 31.30 21.91
CA ASN B 40 -12.27 31.74 22.58
C ASN B 40 -12.42 31.77 24.09
N ASN B 41 -13.65 31.83 24.60
CA ASN B 41 -13.90 31.84 26.04
C ASN B 41 -13.83 30.44 26.66
N ILE B 42 -13.75 29.39 25.85
CA ILE B 42 -13.73 28.02 26.34
C ILE B 42 -12.31 27.66 26.74
N ASP B 43 -12.20 26.89 27.83
CA ASP B 43 -10.90 26.45 28.31
C ASP B 43 -10.33 25.38 27.38
N PRO B 44 -9.11 25.54 26.87
CA PRO B 44 -8.54 24.50 26.01
C PRO B 44 -8.43 23.17 26.73
N VAL B 45 -8.66 22.09 25.99
CA VAL B 45 -8.55 20.75 26.57
C VAL B 45 -7.11 20.45 26.94
N GLY B 46 -6.16 20.88 26.12
CA GLY B 46 -4.77 20.58 26.34
C GLY B 46 -4.34 19.29 25.66
N ARG B 47 -3.06 18.97 25.82
CA ARG B 47 -2.50 17.79 25.19
C ARG B 47 -3.17 16.53 25.73
N ILE B 48 -3.38 15.56 24.84
CA ILE B 48 -4.05 14.31 25.18
C ILE B 48 -3.06 13.17 24.97
N GLN B 49 -2.91 12.32 25.98
CA GLN B 49 -2.01 11.18 25.92
C GLN B 49 -2.81 9.92 25.61
N MET B 50 -2.42 9.23 24.53
CA MET B 50 -3.07 8.00 24.12
C MET B 50 -2.01 6.96 23.78
N ARG B 51 -2.24 5.72 24.21
CA ARG B 51 -1.33 4.62 23.94
C ARG B 51 -2.12 3.41 23.48
N THR B 52 -1.48 2.58 22.66
CA THR B 52 -2.12 1.36 22.18
C THR B 52 -2.20 0.34 23.30
N ARG B 53 -3.42 -0.04 23.69
CA ARG B 53 -3.61 -1.00 24.77
C ARG B 53 -3.78 -2.42 24.27
N ARG B 54 -4.35 -2.60 23.09
CA ARG B 54 -4.54 -3.92 22.50
C ARG B 54 -4.16 -3.89 21.03
N THR B 55 -3.51 -4.94 20.57
CA THR B 55 -3.13 -5.10 19.18
C THR B 55 -3.70 -6.41 18.64
N LEU B 56 -4.45 -6.33 17.55
CA LEU B 56 -5.08 -7.48 16.94
C LEU B 56 -4.34 -7.86 15.67
N ARG B 57 -3.98 -9.14 15.56
CA ARG B 57 -3.24 -9.65 14.41
C ARG B 57 -3.95 -10.88 13.87
N GLY B 58 -3.74 -11.14 12.58
CA GLY B 58 -4.38 -12.26 11.92
C GLY B 58 -4.75 -11.96 10.49
N HIS B 59 -4.80 -10.68 10.14
CA HIS B 59 -5.06 -10.26 8.78
C HIS B 59 -3.78 -10.30 7.95
N LEU B 60 -3.93 -10.62 6.67
CA LEU B 60 -2.80 -10.74 5.76
C LEU B 60 -2.67 -9.59 4.78
N ALA B 61 -3.78 -9.06 4.29
CA ALA B 61 -3.79 -7.95 3.35
C ALA B 61 -4.13 -6.66 4.08
N LYS B 62 -4.13 -5.56 3.33
CA LYS B 62 -4.44 -4.26 3.91
C LYS B 62 -5.89 -4.21 4.36
N ILE B 63 -6.10 -3.74 5.59
CA ILE B 63 -7.44 -3.57 6.12
C ILE B 63 -8.03 -2.28 5.57
N TYR B 64 -9.29 -2.35 5.12
CA TYR B 64 -9.94 -1.21 4.49
C TYR B 64 -11.07 -0.62 5.32
N ALA B 65 -11.76 -1.42 6.13
CA ALA B 65 -12.90 -0.92 6.90
C ALA B 65 -13.09 -1.77 8.15
N MET B 66 -13.76 -1.17 9.14
CA MET B 66 -14.12 -1.86 10.36
C MET B 66 -15.30 -1.12 10.99
N HIS B 67 -15.99 -1.79 11.89
CA HIS B 67 -17.15 -1.21 12.56
C HIS B 67 -17.21 -1.70 14.00
N TRP B 68 -17.43 -0.76 14.93
CA TRP B 68 -17.60 -1.11 16.33
C TRP B 68 -18.98 -1.66 16.59
N GLY B 69 -19.10 -2.50 17.62
CA GLY B 69 -20.38 -3.02 18.02
C GLY B 69 -21.15 -2.03 18.88
N THR B 70 -22.41 -2.39 19.16
CA THR B 70 -23.27 -1.55 19.99
C THR B 70 -23.04 -1.74 21.48
N ASP B 71 -22.24 -2.73 21.88
CA ASP B 71 -21.93 -2.97 23.28
C ASP B 71 -20.47 -2.68 23.62
N SER B 72 -19.68 -2.16 22.66
CA SER B 72 -18.28 -1.87 22.87
C SER B 72 -17.49 -3.12 23.25
N ARG B 73 -17.95 -4.30 22.81
CA ARG B 73 -17.30 -5.57 23.11
C ARG B 73 -16.81 -6.28 21.86
N LEU B 74 -17.64 -6.36 20.83
CA LEU B 74 -17.30 -7.06 19.60
C LEU B 74 -17.20 -6.07 18.44
N LEU B 75 -16.24 -6.30 17.56
CA LEU B 75 -16.05 -5.46 16.38
C LEU B 75 -15.76 -6.35 15.19
N VAL B 76 -16.08 -5.84 13.99
CA VAL B 76 -15.95 -6.57 12.74
C VAL B 76 -14.88 -5.89 11.89
N SER B 77 -13.96 -6.69 11.36
CA SER B 77 -12.84 -6.19 10.57
C SER B 77 -12.89 -6.81 9.19
N ALA B 78 -12.78 -5.98 8.16
CA ALA B 78 -12.81 -6.41 6.77
C ALA B 78 -11.47 -6.11 6.12
N SER B 79 -10.91 -7.11 5.44
CA SER B 79 -9.63 -6.98 4.76
C SER B 79 -9.78 -7.46 3.32
N GLN B 80 -8.88 -6.99 2.45
CA GLN B 80 -8.90 -7.34 1.04
C GLN B 80 -8.46 -8.78 0.79
N ASP B 81 -8.06 -9.51 1.84
CA ASP B 81 -7.73 -10.92 1.69
C ASP B 81 -8.97 -11.75 1.37
N GLY B 82 -10.17 -11.23 1.64
CA GLY B 82 -11.38 -12.01 1.51
C GLY B 82 -11.83 -12.66 2.79
N LYS B 83 -11.32 -12.23 3.93
CA LYS B 83 -11.66 -12.80 5.23
C LYS B 83 -12.26 -11.71 6.11
N LEU B 84 -13.38 -12.04 6.75
CA LEU B 84 -14.06 -11.15 7.69
C LEU B 84 -13.98 -11.77 9.07
N ILE B 85 -13.40 -11.04 10.03
CA ILE B 85 -13.10 -11.57 11.36
C ILE B 85 -13.77 -10.69 12.39
N ILE B 86 -14.31 -11.33 13.43
CA ILE B 86 -14.91 -10.65 14.58
C ILE B 86 -14.00 -10.88 15.78
N TRP B 87 -13.63 -9.79 16.45
CA TRP B 87 -12.66 -9.84 17.54
C TRP B 87 -13.31 -9.44 18.85
N ASP B 88 -12.80 -10.01 19.94
CA ASP B 88 -13.19 -9.63 21.29
C ASP B 88 -12.20 -8.57 21.77
N SER B 89 -12.69 -7.33 21.95
CA SER B 89 -11.79 -6.22 22.22
C SER B 89 -10.99 -6.43 23.51
N TYR B 90 -11.66 -6.88 24.58
CA TYR B 90 -10.99 -6.99 25.86
C TYR B 90 -9.99 -8.13 25.87
N THR B 91 -10.36 -9.29 25.31
CA THR B 91 -9.52 -10.47 25.36
C THR B 91 -8.79 -10.76 24.04
N THR B 92 -9.10 -10.03 22.97
CA THR B 92 -8.47 -10.20 21.66
C THR B 92 -8.71 -11.59 21.08
N ASN B 93 -9.75 -12.29 21.54
CA ASN B 93 -10.06 -13.62 21.03
C ASN B 93 -11.00 -13.52 19.84
N LYS B 94 -10.58 -14.09 18.71
CA LYS B 94 -11.44 -14.12 17.53
C LYS B 94 -12.64 -15.02 17.77
N VAL B 95 -13.80 -14.57 17.31
CA VAL B 95 -15.04 -15.32 17.49
C VAL B 95 -15.55 -15.94 16.20
N HIS B 96 -15.25 -15.34 15.05
CA HIS B 96 -15.70 -15.86 13.77
C HIS B 96 -14.68 -15.53 12.69
N ALA B 97 -14.67 -16.36 11.65
CA ALA B 97 -13.80 -16.15 10.48
C ALA B 97 -14.63 -16.51 9.26
N ILE B 98 -15.15 -15.49 8.57
CA ILE B 98 -16.07 -15.68 7.45
C ILE B 98 -15.27 -15.57 6.16
N PRO B 99 -15.12 -16.63 5.38
CA PRO B 99 -14.44 -16.52 4.08
C PRO B 99 -15.39 -15.94 3.04
N LEU B 100 -15.06 -14.76 2.53
CA LEU B 100 -15.90 -14.06 1.57
C LEU B 100 -15.71 -14.63 0.16
N ARG B 101 -16.76 -14.48 -0.65
CA ARG B 101 -16.69 -14.95 -2.03
C ARG B 101 -15.76 -14.09 -2.87
N SER B 102 -15.70 -12.79 -2.60
CA SER B 102 -14.85 -11.87 -3.34
C SER B 102 -13.83 -11.26 -2.40
N SER B 103 -12.57 -11.26 -2.83
CA SER B 103 -11.50 -10.74 -1.99
C SER B 103 -11.50 -9.22 -1.91
N TRP B 104 -12.02 -8.54 -2.93
CA TRP B 104 -11.98 -7.08 -3.00
C TRP B 104 -13.14 -6.52 -2.18
N VAL B 105 -12.84 -6.26 -0.91
CA VAL B 105 -13.80 -5.67 0.02
C VAL B 105 -13.52 -4.18 0.12
N MET B 106 -14.58 -3.40 0.38
CA MET B 106 -14.44 -1.96 0.55
C MET B 106 -15.20 -1.40 1.75
N THR B 107 -16.03 -2.21 2.42
CA THR B 107 -16.76 -1.74 3.58
C THR B 107 -17.33 -2.93 4.34
N CYS B 108 -17.72 -2.67 5.59
CA CYS B 108 -18.38 -3.66 6.41
C CYS B 108 -19.27 -2.95 7.41
N ALA B 109 -20.25 -3.68 7.93
CA ALA B 109 -21.20 -3.11 8.87
C ALA B 109 -21.61 -4.18 9.88
N TYR B 110 -22.01 -3.72 11.06
CA TYR B 110 -22.49 -4.58 12.13
C TYR B 110 -23.91 -4.15 12.50
N ALA B 111 -24.82 -5.11 12.51
CA ALA B 111 -26.21 -4.79 12.80
C ALA B 111 -26.35 -4.29 14.23
N PRO B 112 -27.31 -3.40 14.50
CA PRO B 112 -27.44 -2.85 15.87
C PRO B 112 -27.67 -3.92 16.91
N SER B 113 -28.41 -4.98 16.58
CA SER B 113 -28.62 -6.09 17.50
C SER B 113 -27.48 -7.10 17.49
N GLY B 114 -26.57 -7.01 16.53
CA GLY B 114 -25.45 -7.93 16.46
C GLY B 114 -25.76 -9.26 15.81
N ASN B 115 -26.99 -9.47 15.34
CA ASN B 115 -27.39 -10.73 14.72
C ASN B 115 -27.04 -10.83 13.25
N TYR B 116 -26.65 -9.72 12.61
CA TYR B 116 -26.34 -9.71 11.20
C TYR B 116 -25.08 -8.89 10.94
N VAL B 117 -24.34 -9.31 9.91
CA VAL B 117 -23.13 -8.61 9.48
C VAL B 117 -23.18 -8.49 7.97
N ALA B 118 -22.78 -7.33 7.45
CA ALA B 118 -22.85 -7.04 6.03
C ALA B 118 -21.51 -6.51 5.54
N CYS B 119 -21.23 -6.75 4.25
CA CYS B 119 -20.00 -6.29 3.63
C CYS B 119 -20.21 -6.21 2.13
N GLY B 120 -19.30 -5.50 1.47
CA GLY B 120 -19.38 -5.35 0.02
C GLY B 120 -18.10 -4.75 -0.51
N GLY B 121 -18.04 -4.66 -1.84
CA GLY B 121 -16.86 -4.13 -2.50
C GLY B 121 -17.02 -3.92 -3.99
N LEU B 122 -15.96 -4.26 -4.75
CA LEU B 122 -15.96 -4.04 -6.18
C LEU B 122 -16.93 -4.94 -6.93
N ASP B 123 -17.49 -5.96 -6.28
CA ASP B 123 -18.40 -6.89 -6.94
C ASP B 123 -19.79 -6.31 -7.15
N ASN B 124 -20.07 -5.11 -6.64
CA ASN B 124 -21.36 -4.45 -6.76
C ASN B 124 -22.47 -5.19 -6.03
N ILE B 125 -22.11 -6.11 -5.14
CA ILE B 125 -23.08 -6.94 -4.43
C ILE B 125 -22.84 -6.79 -2.93
N CYS B 126 -23.92 -6.53 -2.20
CA CYS B 126 -23.87 -6.43 -0.74
C CYS B 126 -24.32 -7.76 -0.15
N SER B 127 -23.45 -8.41 0.62
CA SER B 127 -23.72 -9.71 1.22
C SER B 127 -23.96 -9.54 2.70
N ILE B 128 -25.03 -10.16 3.20
CA ILE B 128 -25.41 -10.11 4.61
C ILE B 128 -25.26 -11.50 5.19
N TYR B 129 -24.54 -11.60 6.32
CA TYR B 129 -24.29 -12.86 6.99
C TYR B 129 -25.08 -12.92 8.29
N ASN B 130 -25.58 -14.11 8.61
CA ASN B 130 -26.37 -14.32 9.82
C ASN B 130 -25.53 -15.06 10.85
N LEU B 131 -25.49 -14.52 12.07
CA LEU B 131 -24.72 -15.11 13.16
C LEU B 131 -25.54 -16.06 14.01
N LYS B 132 -26.78 -16.36 13.62
CA LYS B 132 -27.59 -17.30 14.38
C LYS B 132 -26.91 -18.66 14.48
N THR B 133 -26.37 -19.14 13.36
CA THR B 133 -25.63 -20.41 13.31
C THR B 133 -26.46 -21.54 13.93
N ARG B 134 -27.67 -21.72 13.39
CA ARG B 134 -28.51 -22.83 13.84
C ARG B 134 -27.84 -24.16 13.55
N GLU B 135 -27.19 -24.29 12.40
CA GLU B 135 -26.44 -25.49 12.03
C GLU B 135 -25.01 -25.46 12.55
N GLY B 136 -24.62 -24.42 13.27
CA GLY B 136 -23.28 -24.31 13.80
C GLY B 136 -22.30 -23.58 12.91
N ASN B 137 -22.74 -23.04 11.78
CA ASN B 137 -21.86 -22.33 10.86
C ASN B 137 -22.56 -21.07 10.36
N VAL B 138 -21.76 -20.08 10.00
CA VAL B 138 -22.25 -18.81 9.48
C VAL B 138 -22.33 -18.89 7.96
N ARG B 139 -23.48 -18.49 7.41
CA ARG B 139 -23.73 -18.57 6.00
C ARG B 139 -24.39 -17.28 5.52
N VAL B 140 -24.28 -17.03 4.21
CA VAL B 140 -24.82 -15.81 3.62
C VAL B 140 -26.34 -15.85 3.73
N SER B 141 -26.90 -14.86 4.44
CA SER B 141 -28.35 -14.76 4.53
C SER B 141 -28.96 -14.35 3.20
N ARG B 142 -28.40 -13.32 2.56
CA ARG B 142 -28.90 -12.85 1.28
C ARG B 142 -27.86 -11.91 0.68
N GLU B 143 -27.90 -11.80 -0.65
CA GLU B 143 -27.02 -10.91 -1.40
C GLU B 143 -27.89 -9.88 -2.12
N LEU B 144 -27.53 -8.61 -1.99
CA LEU B 144 -28.29 -7.50 -2.54
C LEU B 144 -27.57 -6.96 -3.76
N ALA B 145 -27.94 -7.48 -4.94
CA ALA B 145 -27.37 -7.02 -6.19
C ALA B 145 -28.26 -5.95 -6.82
N GLY B 146 -27.66 -5.19 -7.74
CA GLY B 146 -28.41 -4.16 -8.45
C GLY B 146 -27.61 -2.90 -8.70
N HIS B 147 -26.56 -2.69 -7.91
CA HIS B 147 -25.74 -1.50 -8.07
C HIS B 147 -24.94 -1.56 -9.37
N THR B 148 -24.84 -0.40 -10.03
CA THR B 148 -24.07 -0.27 -11.26
C THR B 148 -22.65 0.21 -11.01
N GLY B 149 -22.26 0.40 -9.74
CA GLY B 149 -20.93 0.84 -9.41
C GLY B 149 -20.47 0.18 -8.12
N TYR B 150 -19.16 0.22 -7.90
CA TYR B 150 -18.59 -0.44 -6.73
C TYR B 150 -19.22 0.09 -5.46
N LEU B 151 -19.59 -0.84 -4.57
CA LEU B 151 -20.21 -0.48 -3.30
C LEU B 151 -19.15 0.08 -2.36
N SER B 152 -19.31 1.34 -1.96
CA SER B 152 -18.30 2.02 -1.18
C SER B 152 -18.55 1.94 0.33
N CYS B 153 -19.81 2.07 0.76
CA CYS B 153 -20.12 2.05 2.18
C CYS B 153 -21.54 1.52 2.37
N CYS B 154 -21.80 1.04 3.58
CA CYS B 154 -23.12 0.52 3.93
C CYS B 154 -23.31 0.64 5.44
N ARG B 155 -24.58 0.82 5.85
CA ARG B 155 -24.92 0.92 7.25
C ARG B 155 -26.30 0.33 7.47
N PHE B 156 -26.56 -0.10 8.70
CA PHE B 156 -27.81 -0.76 9.05
C PHE B 156 -28.72 0.21 9.80
N LEU B 157 -29.93 0.42 9.29
CA LEU B 157 -30.95 1.11 10.05
C LEU B 157 -31.52 0.20 11.13
N ASP B 158 -31.71 -1.07 10.81
CA ASP B 158 -32.21 -2.07 11.75
C ASP B 158 -31.89 -3.45 11.17
N ASP B 159 -32.40 -4.50 11.82
CA ASP B 159 -32.14 -5.85 11.36
C ASP B 159 -32.77 -6.13 10.00
N ASN B 160 -33.73 -5.30 9.56
CA ASN B 160 -34.43 -5.53 8.31
C ASN B 160 -34.17 -4.47 7.25
N GLN B 161 -33.55 -3.35 7.61
CA GLN B 161 -33.30 -2.26 6.67
C GLN B 161 -31.80 -1.94 6.66
N ILE B 162 -31.23 -1.81 5.47
CA ILE B 162 -29.83 -1.49 5.29
C ILE B 162 -29.70 -0.39 4.25
N VAL B 163 -28.84 0.59 4.52
CA VAL B 163 -28.54 1.67 3.59
C VAL B 163 -27.16 1.41 2.99
N THR B 164 -27.07 1.43 1.67
CA THR B 164 -25.82 1.16 0.97
C THR B 164 -25.53 2.30 -0.01
N SER B 165 -24.24 2.46 -0.31
CA SER B 165 -23.77 3.46 -1.25
C SER B 165 -22.82 2.82 -2.24
N SER B 166 -22.81 3.35 -3.45
CA SER B 166 -22.00 2.82 -4.53
C SER B 166 -21.36 3.95 -5.31
N GLY B 167 -20.32 3.62 -6.06
CA GLY B 167 -19.60 4.61 -6.85
C GLY B 167 -20.26 4.87 -8.19
N ASP B 168 -21.59 4.99 -8.20
CA ASP B 168 -22.33 5.31 -9.42
C ASP B 168 -23.31 6.44 -9.19
N THR B 169 -23.10 7.25 -8.15
CA THR B 169 -23.88 8.43 -7.81
C THR B 169 -25.24 8.08 -7.21
N THR B 170 -25.50 6.82 -6.88
CA THR B 170 -26.80 6.39 -6.40
C THR B 170 -26.68 5.80 -5.00
N CYS B 171 -27.50 6.30 -4.08
CA CYS B 171 -27.67 5.71 -2.76
C CYS B 171 -29.06 5.09 -2.70
N ALA B 172 -29.15 3.90 -2.10
CA ALA B 172 -30.39 3.14 -2.10
C ALA B 172 -30.64 2.54 -0.72
N LEU B 173 -31.91 2.31 -0.43
CA LEU B 173 -32.35 1.62 0.77
C LEU B 173 -32.91 0.26 0.36
N TRP B 174 -32.48 -0.79 1.07
CA TRP B 174 -32.82 -2.16 0.71
C TRP B 174 -33.60 -2.82 1.83
N ASP B 175 -34.55 -3.67 1.44
CA ASP B 175 -35.30 -4.49 2.38
C ASP B 175 -34.69 -5.89 2.37
N ILE B 176 -34.24 -6.34 3.55
CA ILE B 176 -33.50 -7.61 3.62
C ILE B 176 -34.41 -8.77 3.20
N GLU B 177 -35.65 -8.78 3.68
CA GLU B 177 -36.53 -9.92 3.40
C GLU B 177 -36.81 -10.04 1.92
N THR B 178 -37.25 -8.95 1.28
CA THR B 178 -37.59 -9.00 -0.14
C THR B 178 -36.34 -8.99 -1.02
N GLY B 179 -35.31 -8.24 -0.64
CA GLY B 179 -34.07 -8.23 -1.39
C GLY B 179 -34.04 -7.32 -2.59
N GLN B 180 -34.89 -6.29 -2.62
CA GLN B 180 -34.87 -5.33 -3.72
C GLN B 180 -34.95 -3.93 -3.14
N GLN B 181 -34.48 -2.96 -3.93
CA GLN B 181 -34.44 -1.57 -3.48
C GLN B 181 -35.85 -1.05 -3.21
N THR B 182 -35.97 -0.26 -2.14
CA THR B 182 -37.21 0.42 -1.80
C THR B 182 -37.24 1.86 -2.29
N THR B 183 -36.13 2.59 -2.12
CA THR B 183 -36.02 3.95 -2.62
C THR B 183 -34.56 4.23 -2.94
N THR B 184 -34.34 5.21 -3.82
CA THR B 184 -33.01 5.56 -4.27
C THR B 184 -32.84 7.07 -4.27
N PHE B 185 -31.59 7.51 -4.12
CA PHE B 185 -31.24 8.92 -4.15
C PHE B 185 -30.27 9.15 -5.30
N THR B 186 -30.55 10.19 -6.10
CA THR B 186 -29.77 10.47 -7.30
C THR B 186 -29.28 11.92 -7.35
N GLY B 187 -29.14 12.57 -6.18
CA GLY B 187 -28.71 13.95 -6.16
C GLY B 187 -27.23 14.15 -6.43
N HIS B 188 -26.41 13.13 -6.21
CA HIS B 188 -24.97 13.25 -6.40
C HIS B 188 -24.60 13.17 -7.87
N THR B 189 -23.41 13.65 -8.19
CA THR B 189 -22.84 13.59 -9.53
C THR B 189 -21.55 12.79 -9.60
N GLY B 190 -20.76 12.75 -8.54
CA GLY B 190 -19.57 11.93 -8.49
C GLY B 190 -19.77 10.69 -7.63
N ASP B 191 -18.75 9.84 -7.62
CA ASP B 191 -18.82 8.60 -6.84
C ASP B 191 -19.02 8.91 -5.37
N VAL B 192 -19.95 8.21 -4.74
CA VAL B 192 -20.25 8.38 -3.32
C VAL B 192 -19.26 7.52 -2.53
N MET B 193 -18.57 8.14 -1.58
CA MET B 193 -17.50 7.47 -0.85
C MET B 193 -17.98 6.88 0.48
N SER B 194 -18.68 7.68 1.29
CA SER B 194 -19.09 7.22 2.61
C SER B 194 -20.44 7.83 2.97
N LEU B 195 -21.12 7.17 3.90
CA LEU B 195 -22.40 7.64 4.42
C LEU B 195 -22.42 7.46 5.93
N SER B 196 -23.24 8.27 6.59
CA SER B 196 -23.38 8.21 8.04
C SER B 196 -24.86 8.34 8.40
N LEU B 197 -25.31 7.51 9.34
CA LEU B 197 -26.69 7.52 9.78
C LEU B 197 -26.83 8.37 11.04
N ALA B 198 -27.89 9.17 11.09
CA ALA B 198 -28.12 10.02 12.25
C ALA B 198 -28.52 9.17 13.46
N PRO B 199 -28.36 9.71 14.67
CA PRO B 199 -28.74 8.94 15.86
C PRO B 199 -30.18 8.47 15.84
N ASP B 200 -31.09 9.29 15.32
CA ASP B 200 -32.50 8.91 15.22
C ASP B 200 -32.80 8.05 14.00
N THR B 201 -31.84 7.91 13.08
CA THR B 201 -31.96 7.13 11.85
C THR B 201 -32.92 7.76 10.84
N ARG B 202 -33.51 8.92 11.15
CA ARG B 202 -34.42 9.56 10.20
C ARG B 202 -33.66 10.19 9.04
N LEU B 203 -32.48 10.75 9.32
CA LEU B 203 -31.67 11.42 8.32
C LEU B 203 -30.30 10.74 8.23
N PHE B 204 -29.69 10.83 7.05
CA PHE B 204 -28.36 10.31 6.83
C PHE B 204 -27.67 11.13 5.75
N VAL B 205 -26.37 11.34 5.92
CA VAL B 205 -25.58 12.16 5.00
C VAL B 205 -24.65 11.24 4.22
N SER B 206 -24.22 11.74 3.06
CA SER B 206 -23.31 11.00 2.20
C SER B 206 -22.38 11.98 1.51
N GLY B 207 -21.13 11.55 1.33
CA GLY B 207 -20.11 12.35 0.66
C GLY B 207 -19.76 11.72 -0.69
N ALA B 208 -19.52 12.57 -1.68
CA ALA B 208 -19.23 12.14 -3.03
C ALA B 208 -17.97 12.82 -3.54
N CYS B 209 -17.47 12.33 -4.67
CA CYS B 209 -16.25 12.87 -5.26
C CYS B 209 -16.54 14.11 -6.08
N ASP B 210 -17.26 15.08 -5.48
CA ASP B 210 -17.52 16.36 -6.13
C ASP B 210 -17.46 17.52 -5.17
N ALA B 211 -16.94 17.33 -3.95
CA ALA B 211 -16.77 18.37 -2.94
C ALA B 211 -18.09 18.87 -2.38
N SER B 212 -19.18 18.13 -2.54
CA SER B 212 -20.48 18.49 -2.00
C SER B 212 -21.02 17.37 -1.12
N ALA B 213 -21.63 17.74 0.00
CA ALA B 213 -22.26 16.80 0.91
C ALA B 213 -23.77 17.02 0.86
N LYS B 214 -24.51 15.92 0.78
CA LYS B 214 -25.97 15.96 0.62
C LYS B 214 -26.64 15.38 1.85
N LEU B 215 -27.74 16.00 2.26
CA LEU B 215 -28.56 15.51 3.37
C LEU B 215 -29.82 14.89 2.81
N TRP B 216 -30.14 13.69 3.25
CA TRP B 216 -31.27 12.93 2.75
C TRP B 216 -32.23 12.58 3.88
N ASP B 217 -33.49 12.42 3.52
CA ASP B 217 -34.54 11.97 4.44
C ASP B 217 -34.90 10.53 4.08
N VAL B 218 -34.70 9.62 5.04
CA VAL B 218 -34.94 8.21 4.76
C VAL B 218 -36.41 7.96 4.46
N ARG B 219 -37.30 8.53 5.27
CA ARG B 219 -38.73 8.29 5.09
C ARG B 219 -39.23 8.95 3.80
N GLU B 220 -38.91 10.22 3.58
CA GLU B 220 -39.37 10.92 2.40
C GLU B 220 -38.58 10.53 1.14
N GLY B 221 -37.34 10.08 1.29
CA GLY B 221 -36.56 9.63 0.17
C GLY B 221 -36.19 10.70 -0.84
N MET B 222 -35.77 11.87 -0.37
CA MET B 222 -35.29 12.92 -1.26
C MET B 222 -34.37 13.84 -0.47
N CYS B 223 -33.58 14.62 -1.22
CA CYS B 223 -32.61 15.52 -0.60
C CYS B 223 -33.32 16.62 0.18
N ARG B 224 -32.69 17.03 1.28
CA ARG B 224 -33.17 18.15 2.09
C ARG B 224 -32.23 19.34 2.07
N GLN B 225 -30.93 19.13 2.20
CA GLN B 225 -29.96 20.21 2.19
C GLN B 225 -28.70 19.75 1.46
N THR B 226 -27.97 20.73 0.91
CA THR B 226 -26.72 20.47 0.20
C THR B 226 -25.64 21.36 0.79
N PHE B 227 -24.48 20.78 1.06
CA PHE B 227 -23.36 21.49 1.66
C PHE B 227 -22.14 21.39 0.76
N THR B 228 -21.42 22.50 0.62
CA THR B 228 -20.22 22.57 -0.20
C THR B 228 -19.18 23.43 0.50
N GLY B 229 -17.97 23.42 -0.04
CA GLY B 229 -16.88 24.20 0.51
C GLY B 229 -15.55 23.49 0.44
N HIS B 230 -15.58 22.17 0.31
CA HIS B 230 -14.35 21.40 0.21
C HIS B 230 -13.68 21.65 -1.15
N GLU B 231 -12.35 21.53 -1.16
CA GLU B 231 -11.56 21.78 -2.35
C GLU B 231 -11.29 20.52 -3.18
N SER B 232 -11.73 19.36 -2.72
CA SER B 232 -11.46 18.11 -3.42
C SER B 232 -12.51 17.08 -3.01
N ASP B 233 -12.25 15.83 -3.36
CA ASP B 233 -13.21 14.76 -3.09
C ASP B 233 -13.37 14.54 -1.59
N ILE B 234 -14.58 14.14 -1.19
CA ILE B 234 -14.88 13.84 0.21
C ILE B 234 -14.63 12.36 0.45
N ASN B 235 -13.86 12.05 1.49
CA ASN B 235 -13.51 10.67 1.81
C ASN B 235 -14.16 10.14 3.06
N ALA B 236 -14.67 11.01 3.93
CA ALA B 236 -15.26 10.57 5.19
C ALA B 236 -16.35 11.54 5.62
N ILE B 237 -17.23 11.07 6.49
CA ILE B 237 -18.32 11.89 7.02
C ILE B 237 -18.83 11.21 8.28
N CYS B 238 -19.14 12.03 9.29
CA CYS B 238 -19.62 11.51 10.56
C CYS B 238 -20.48 12.57 11.24
N PHE B 239 -21.57 12.13 11.86
CA PHE B 239 -22.48 13.05 12.53
C PHE B 239 -21.95 13.44 13.90
N PHE B 240 -22.24 14.69 14.28
CA PHE B 240 -21.98 15.12 15.65
C PHE B 240 -22.89 14.33 16.59
N PRO B 241 -22.44 14.06 17.82
CA PRO B 241 -23.25 13.22 18.72
C PRO B 241 -24.66 13.74 18.92
N ASN B 242 -24.86 15.05 18.95
CA ASN B 242 -26.22 15.58 19.11
C ASN B 242 -27.07 15.39 17.85
N GLY B 243 -26.44 15.11 16.70
CA GLY B 243 -27.15 14.90 15.47
C GLY B 243 -27.50 16.15 14.69
N ASN B 244 -27.15 17.33 15.20
CA ASN B 244 -27.44 18.59 14.53
C ASN B 244 -26.29 19.08 13.67
N ALA B 245 -25.18 18.35 13.59
CA ALA B 245 -24.04 18.76 12.81
C ALA B 245 -23.23 17.53 12.43
N PHE B 246 -22.34 17.71 11.46
CA PHE B 246 -21.48 16.61 11.00
C PHE B 246 -20.18 17.19 10.48
N ALA B 247 -19.15 16.35 10.44
CA ALA B 247 -17.83 16.71 9.95
C ALA B 247 -17.47 15.83 8.76
N THR B 248 -16.66 16.38 7.87
CA THR B 248 -16.27 15.69 6.65
C THR B 248 -14.77 15.83 6.43
N GLY B 249 -14.20 14.86 5.75
CA GLY B 249 -12.78 14.89 5.38
C GLY B 249 -12.62 14.78 3.89
N SER B 250 -11.64 15.50 3.36
CA SER B 250 -11.41 15.57 1.93
C SER B 250 -9.92 15.50 1.64
N ASP B 251 -9.60 15.27 0.36
CA ASP B 251 -8.20 15.13 -0.05
C ASP B 251 -7.40 16.41 0.13
N ASP B 252 -8.07 17.56 0.27
CA ASP B 252 -7.35 18.83 0.42
C ASP B 252 -6.70 18.99 1.79
N ALA B 253 -6.77 17.97 2.64
CA ALA B 253 -6.09 17.96 3.95
C ALA B 253 -6.72 18.92 4.95
N THR B 254 -7.99 19.28 4.76
CA THR B 254 -8.70 20.16 5.69
C THR B 254 -10.04 19.54 6.03
N CYS B 255 -10.36 19.50 7.31
CA CYS B 255 -11.65 19.02 7.79
C CYS B 255 -12.58 20.19 8.04
N ARG B 256 -13.87 19.98 7.78
CA ARG B 256 -14.88 21.02 7.93
C ARG B 256 -16.07 20.46 8.70
N LEU B 257 -16.70 21.32 9.50
CA LEU B 257 -17.86 20.97 10.29
C LEU B 257 -19.07 21.75 9.77
N PHE B 258 -20.14 21.03 9.44
CA PHE B 258 -21.35 21.62 8.89
C PHE B 258 -22.50 21.46 9.89
N ASP B 259 -23.35 22.48 9.97
CA ASP B 259 -24.50 22.48 10.85
C ASP B 259 -25.77 22.50 10.01
N LEU B 260 -26.67 21.57 10.27
CA LEU B 260 -27.91 21.50 9.51
C LEU B 260 -28.77 22.74 9.72
N ARG B 261 -28.89 23.20 10.97
CA ARG B 261 -29.75 24.35 11.24
C ARG B 261 -29.23 25.60 10.54
N ALA B 262 -27.93 25.86 10.60
CA ALA B 262 -27.36 27.05 9.99
C ALA B 262 -27.14 26.91 8.50
N ASP B 263 -27.13 25.68 7.97
CA ASP B 263 -26.90 25.44 6.55
C ASP B 263 -25.58 26.04 6.08
N GLN B 264 -24.58 26.07 6.97
CA GLN B 264 -23.28 26.63 6.63
C GLN B 264 -22.23 25.96 7.52
N GLU B 265 -20.98 26.01 7.05
CA GLU B 265 -19.86 25.46 7.81
C GLU B 265 -19.53 26.39 8.97
N LEU B 266 -19.38 25.81 10.17
CA LEU B 266 -19.09 26.62 11.35
C LEU B 266 -17.58 26.78 11.56
N MET B 267 -16.82 25.72 11.32
CA MET B 267 -15.38 25.76 11.55
C MET B 267 -14.70 24.79 10.59
N THR B 268 -13.41 25.03 10.35
CA THR B 268 -12.58 24.18 9.51
C THR B 268 -11.27 23.90 10.21
N TYR B 269 -10.84 22.64 10.17
CA TYR B 269 -9.61 22.20 10.82
C TYR B 269 -8.55 21.96 9.75
N SER B 270 -7.42 22.65 9.87
CA SER B 270 -6.35 22.52 8.90
C SER B 270 -5.03 22.85 9.57
N HIS B 271 -3.94 22.37 8.96
CA HIS B 271 -2.60 22.62 9.46
C HIS B 271 -1.66 22.78 8.26
N ASP B 272 -0.83 23.82 8.30
CA ASP B 272 0.04 24.11 7.16
C ASP B 272 0.99 22.95 6.88
N ASN B 273 1.59 22.38 7.92
CA ASN B 273 2.55 21.30 7.75
C ASN B 273 1.92 20.02 7.24
N ILE B 274 0.58 19.89 7.31
CA ILE B 274 -0.12 18.69 6.87
C ILE B 274 -0.61 18.93 5.44
N ILE B 275 -0.22 18.04 4.53
CA ILE B 275 -0.66 18.10 3.14
C ILE B 275 -1.43 16.87 2.71
N CYS B 276 -1.38 15.77 3.47
CA CYS B 276 -2.10 14.57 3.11
C CYS B 276 -3.59 14.71 3.41
N GLY B 277 -4.40 14.00 2.62
CA GLY B 277 -5.84 14.04 2.81
C GLY B 277 -6.31 13.22 3.99
N ILE B 278 -7.56 13.42 4.35
CA ILE B 278 -8.18 12.72 5.47
C ILE B 278 -8.89 11.48 4.93
N THR B 279 -8.72 10.35 5.63
CA THR B 279 -9.30 9.08 5.22
C THR B 279 -10.57 8.76 5.99
N SER B 280 -10.56 8.92 7.31
CA SER B 280 -11.73 8.64 8.14
C SER B 280 -11.78 9.65 9.27
N VAL B 281 -13.00 9.87 9.78
CA VAL B 281 -13.24 10.81 10.88
C VAL B 281 -14.29 10.22 11.80
N SER B 282 -14.21 10.59 13.08
CA SER B 282 -15.17 10.15 14.08
C SER B 282 -15.14 11.11 15.25
N PHE B 283 -16.28 11.23 15.93
CA PHE B 283 -16.43 12.11 17.08
C PHE B 283 -16.51 11.31 18.36
N SER B 284 -16.16 11.96 19.47
CA SER B 284 -16.27 11.36 20.78
C SER B 284 -17.73 11.35 21.23
N LYS B 285 -17.98 10.82 22.42
CA LYS B 285 -19.35 10.74 22.91
C LYS B 285 -19.96 12.13 23.07
N SER B 286 -19.20 13.06 23.66
CA SER B 286 -19.66 14.43 23.82
C SER B 286 -19.35 15.31 22.61
N GLY B 287 -18.53 14.84 21.69
CA GLY B 287 -18.20 15.59 20.50
C GLY B 287 -17.10 16.62 20.67
N ARG B 288 -16.53 16.74 21.88
CA ARG B 288 -15.47 17.72 22.09
C ARG B 288 -14.21 17.36 21.31
N LEU B 289 -13.89 16.08 21.21
CA LEU B 289 -12.70 15.60 20.54
C LEU B 289 -13.08 15.01 19.18
N LEU B 290 -12.40 15.45 18.14
CA LEU B 290 -12.59 14.94 16.79
C LEU B 290 -11.32 14.20 16.37
N LEU B 291 -11.47 12.93 16.00
CA LEU B 291 -10.36 12.09 15.57
C LEU B 291 -10.44 11.88 14.07
N ALA B 292 -9.34 12.19 13.37
CA ALA B 292 -9.28 12.07 11.92
C ALA B 292 -8.01 11.36 11.52
N GLY B 293 -8.14 10.42 10.58
CA GLY B 293 -6.99 9.72 10.04
C GLY B 293 -6.39 10.46 8.85
N TYR B 294 -5.10 10.25 8.64
CA TYR B 294 -4.36 10.89 7.56
C TYR B 294 -3.51 9.87 6.83
N ASP B 295 -3.22 10.16 5.56
CA ASP B 295 -2.44 9.25 4.75
C ASP B 295 -0.99 9.16 5.21
N ASP B 296 -0.52 10.11 6.03
CA ASP B 296 0.87 10.09 6.47
C ASP B 296 1.06 9.22 7.70
N PHE B 297 0.56 7.99 7.64
CA PHE B 297 0.88 6.94 8.61
C PHE B 297 0.66 7.40 10.05
N ASN B 298 -0.39 8.19 10.29
CA ASN B 298 -0.72 8.58 11.66
C ASN B 298 -2.10 9.23 11.67
N CYS B 299 -2.65 9.35 12.88
CA CYS B 299 -3.93 10.00 13.11
C CYS B 299 -3.74 11.18 14.06
N ASN B 300 -4.70 12.11 14.01
CA ASN B 300 -4.67 13.31 14.83
C ASN B 300 -6.00 13.48 15.54
N VAL B 301 -5.95 14.12 16.70
CA VAL B 301 -7.14 14.43 17.49
C VAL B 301 -7.29 15.94 17.53
N TRP B 302 -8.46 16.44 17.14
CA TRP B 302 -8.73 17.86 17.02
C TRP B 302 -9.76 18.29 18.06
N ASP B 303 -9.51 19.42 18.70
CA ASP B 303 -10.48 20.03 19.60
C ASP B 303 -11.50 20.76 18.74
N ALA B 304 -12.72 20.22 18.69
CA ALA B 304 -13.72 20.76 17.77
C ALA B 304 -14.03 22.22 18.05
N LEU B 305 -14.01 22.63 19.31
CA LEU B 305 -14.38 23.98 19.68
C LEU B 305 -13.26 25.00 19.50
N LYS B 306 -12.00 24.57 19.57
CA LYS B 306 -10.87 25.47 19.45
C LYS B 306 -10.02 25.23 18.20
N ALA B 307 -10.27 24.16 17.46
CA ALA B 307 -9.49 23.84 16.26
C ALA B 307 -8.01 23.74 16.56
N ASP B 308 -7.67 23.18 17.72
CA ASP B 308 -6.28 22.99 18.14
C ASP B 308 -6.00 21.50 18.25
N ARG B 309 -4.90 21.08 17.64
CA ARG B 309 -4.51 19.67 17.66
C ARG B 309 -4.07 19.30 19.07
N ALA B 310 -4.82 18.41 19.71
CA ALA B 310 -4.56 18.04 21.11
C ALA B 310 -3.69 16.80 21.24
N GLY B 311 -3.32 16.15 20.14
CA GLY B 311 -2.48 14.97 20.22
C GLY B 311 -2.32 14.34 18.85
N VAL B 312 -1.45 13.35 18.80
CA VAL B 312 -1.15 12.60 17.57
C VAL B 312 -1.04 11.12 17.90
N LEU B 313 -1.63 10.29 17.05
CA LEU B 313 -1.53 8.84 17.16
C LEU B 313 -0.71 8.35 15.98
N ALA B 314 0.49 7.85 16.26
CA ALA B 314 1.44 7.44 15.23
C ALA B 314 1.92 6.01 15.47
N GLY B 315 1.01 5.13 15.89
CA GLY B 315 1.33 3.74 16.10
C GLY B 315 1.18 2.86 14.88
N HIS B 316 0.80 3.42 13.74
CA HIS B 316 0.58 2.65 12.52
C HIS B 316 1.77 2.80 11.58
N ASP B 317 2.03 1.75 10.81
CA ASP B 317 3.14 1.72 9.87
C ASP B 317 2.73 2.08 8.45
N ASN B 318 1.45 2.03 8.13
CA ASN B 318 0.96 2.30 6.78
C ASN B 318 -0.25 3.22 6.87
N ARG B 319 -0.91 3.43 5.74
CA ARG B 319 -2.07 4.32 5.69
C ARG B 319 -3.16 3.85 6.65
N VAL B 320 -3.74 4.81 7.38
CA VAL B 320 -4.84 4.53 8.29
C VAL B 320 -6.12 4.57 7.47
N SER B 321 -6.67 3.40 7.16
CA SER B 321 -7.83 3.32 6.28
C SER B 321 -9.13 3.56 7.04
N CYS B 322 -9.23 3.07 8.28
CA CYS B 322 -10.47 3.13 9.04
C CYS B 322 -10.18 3.60 10.45
N LEU B 323 -11.19 4.20 11.06
CA LEU B 323 -11.11 4.69 12.43
C LEU B 323 -12.49 4.64 13.05
N GLY B 324 -12.57 4.17 14.29
CA GLY B 324 -13.84 4.05 14.97
C GLY B 324 -13.74 4.26 16.47
N VAL B 325 -14.79 4.83 17.06
CA VAL B 325 -14.85 5.11 18.49
C VAL B 325 -16.03 4.34 19.08
N THR B 326 -15.79 3.66 20.20
CA THR B 326 -16.82 2.89 20.86
C THR B 326 -18.05 3.74 21.14
N ASP B 327 -19.21 3.11 21.31
CA ASP B 327 -20.42 3.85 21.57
C ASP B 327 -20.33 4.62 22.89
N ASP B 328 -19.77 3.98 23.92
CA ASP B 328 -19.58 4.62 25.21
C ASP B 328 -18.28 5.39 25.31
N GLY B 329 -17.45 5.38 24.27
CA GLY B 329 -16.20 6.12 24.29
C GLY B 329 -15.13 5.53 25.16
N MET B 330 -15.23 4.24 25.49
CA MET B 330 -14.21 3.62 26.34
C MET B 330 -12.86 3.59 25.65
N ALA B 331 -12.82 3.29 24.36
CA ALA B 331 -11.57 3.21 23.63
C ALA B 331 -11.83 3.47 22.15
N VAL B 332 -10.76 3.75 21.42
CA VAL B 332 -10.81 4.04 20.00
C VAL B 332 -10.02 2.97 19.27
N ALA B 333 -10.65 2.34 18.29
CA ALA B 333 -10.00 1.33 17.45
C ALA B 333 -9.72 1.92 16.07
N THR B 334 -8.50 1.72 15.59
CA THR B 334 -8.08 2.22 14.29
C THR B 334 -7.41 1.11 13.51
N GLY B 335 -7.58 1.15 12.19
CA GLY B 335 -6.99 0.15 11.32
C GLY B 335 -6.19 0.81 10.21
N SER B 336 -5.29 0.03 9.63
CA SER B 336 -4.37 0.55 8.64
C SER B 336 -4.08 -0.53 7.61
N TRP B 337 -3.29 -0.16 6.60
CA TRP B 337 -2.95 -1.07 5.50
C TRP B 337 -1.85 -2.06 5.88
N ASP B 338 -1.38 -2.04 7.13
CA ASP B 338 -0.38 -3.00 7.58
C ASP B 338 -0.99 -4.27 8.16
N SER B 339 -2.31 -4.41 8.09
CA SER B 339 -3.01 -5.60 8.57
C SER B 339 -3.00 -5.71 10.09
N PHE B 340 -2.91 -4.58 10.78
CA PHE B 340 -2.92 -4.54 12.23
C PHE B 340 -3.93 -3.51 12.72
N LEU B 341 -4.57 -3.82 13.85
CA LEU B 341 -5.54 -2.95 14.49
C LEU B 341 -4.96 -2.45 15.81
N LYS B 342 -5.03 -1.13 16.03
CA LYS B 342 -4.54 -0.51 17.24
C LYS B 342 -5.73 0.07 18.01
N ILE B 343 -5.88 -0.33 19.26
CA ILE B 343 -6.94 0.16 20.12
C ILE B 343 -6.33 1.12 21.13
N TRP B 344 -6.81 2.36 21.13
CA TRP B 344 -6.24 3.42 21.94
C TRP B 344 -7.22 3.85 23.02
N ASN B 345 -6.69 4.12 24.21
CA ASN B 345 -7.51 4.59 25.33
C ASN B 345 -6.68 5.59 26.14
N THR C 6 -32.64 16.11 -24.59
CA THR C 6 -33.65 15.78 -23.55
C THR C 6 -33.00 15.60 -22.18
N ALA C 7 -31.89 14.86 -22.15
CA ALA C 7 -31.21 14.61 -20.89
C ALA C 7 -30.69 15.90 -20.27
N SER C 8 -30.08 16.76 -21.09
CA SER C 8 -29.52 18.00 -20.57
C SER C 8 -30.60 18.90 -20.00
N ILE C 9 -31.70 19.08 -20.74
CA ILE C 9 -32.77 19.95 -20.27
C ILE C 9 -33.43 19.36 -19.04
N ALA C 10 -33.62 18.04 -19.00
CA ALA C 10 -34.22 17.41 -17.83
C ALA C 10 -33.32 17.60 -16.60
N GLN C 11 -32.01 17.42 -16.77
CA GLN C 11 -31.10 17.62 -15.65
C GLN C 11 -31.11 19.07 -15.18
N ALA C 12 -31.14 20.01 -16.12
CA ALA C 12 -31.19 21.42 -15.74
C ALA C 12 -32.48 21.74 -14.98
N ARG C 13 -33.61 21.22 -15.44
CA ARG C 13 -34.87 21.46 -14.76
C ARG C 13 -34.86 20.85 -13.36
N LYS C 14 -34.31 19.64 -13.22
CA LYS C 14 -34.22 19.02 -11.91
C LYS C 14 -33.33 19.83 -10.98
N LEU C 15 -32.21 20.32 -11.49
CA LEU C 15 -31.32 21.16 -10.68
C LEU C 15 -32.03 22.43 -10.25
N VAL C 16 -32.78 23.06 -11.15
CA VAL C 16 -33.50 24.28 -10.80
C VAL C 16 -34.55 23.99 -9.73
N GLU C 17 -35.27 22.87 -9.87
CA GLU C 17 -36.26 22.52 -8.85
C GLU C 17 -35.60 22.26 -7.50
N GLN C 18 -34.46 21.57 -7.50
CA GLN C 18 -33.74 21.32 -6.26
C GLN C 18 -33.28 22.63 -5.62
N LEU C 19 -32.78 23.56 -6.43
CA LEU C 19 -32.37 24.85 -5.90
C LEU C 19 -33.57 25.61 -5.33
N LYS C 20 -34.72 25.55 -6.02
CA LYS C 20 -35.92 26.20 -5.51
C LYS C 20 -36.32 25.62 -4.16
N MET C 21 -36.28 24.30 -4.02
CA MET C 21 -36.59 23.68 -2.74
C MET C 21 -35.59 24.10 -1.67
N GLU C 22 -34.29 24.17 -2.04
CA GLU C 22 -33.27 24.57 -1.08
C GLU C 22 -33.44 26.01 -0.63
N ALA C 23 -34.03 26.85 -1.49
CA ALA C 23 -34.21 28.26 -1.17
C ALA C 23 -35.47 28.54 -0.35
N ASN C 24 -36.26 27.51 -0.03
CA ASN C 24 -37.51 27.65 0.69
C ASN C 24 -37.55 26.74 1.91
N ILE C 25 -36.47 26.77 2.69
CA ILE C 25 -36.38 25.98 3.92
C ILE C 25 -36.01 26.91 5.07
N ASP C 26 -36.46 26.54 6.27
CA ASP C 26 -36.16 27.33 7.45
C ASP C 26 -34.67 27.25 7.79
N ARG C 27 -34.13 28.37 8.25
CA ARG C 27 -32.73 28.45 8.66
C ARG C 27 -32.65 29.14 10.02
N ILE C 28 -31.71 28.67 10.84
CA ILE C 28 -31.53 29.20 12.19
C ILE C 28 -30.20 29.95 12.23
N LYS C 29 -30.12 30.90 13.16
CA LYS C 29 -28.93 31.72 13.29
C LYS C 29 -27.74 30.87 13.72
N VAL C 30 -26.56 31.21 13.20
CA VAL C 30 -25.34 30.50 13.55
C VAL C 30 -25.06 30.61 15.04
N SER C 31 -25.37 31.77 15.65
CA SER C 31 -25.04 31.99 17.05
C SER C 31 -25.75 30.99 17.95
N LYS C 32 -27.05 30.76 17.74
CA LYS C 32 -27.77 29.83 18.60
C LYS C 32 -27.30 28.40 18.37
N ALA C 33 -26.96 28.05 17.13
CA ALA C 33 -26.40 26.72 16.88
C ALA C 33 -25.07 26.53 17.61
N ALA C 34 -24.21 27.55 17.57
CA ALA C 34 -22.95 27.47 18.30
C ALA C 34 -23.19 27.33 19.80
N ALA C 35 -24.14 28.09 20.33
CA ALA C 35 -24.44 27.99 21.75
C ALA C 35 -24.96 26.60 22.11
N ASP C 36 -25.80 26.02 21.24
CA ASP C 36 -26.31 24.67 21.49
C ASP C 36 -25.18 23.65 21.45
N LEU C 37 -24.21 23.84 20.55
CA LEU C 37 -23.07 22.92 20.50
C LEU C 37 -22.38 22.85 21.86
N MET C 38 -22.10 24.00 22.46
CA MET C 38 -21.47 23.99 23.79
C MET C 38 -22.42 23.42 24.83
N ALA C 39 -23.70 23.83 24.78
CA ALA C 39 -24.66 23.32 25.75
C ALA C 39 -24.64 21.79 25.77
N TYR C 40 -24.42 21.19 24.61
CA TYR C 40 -24.26 19.73 24.56
C TYR C 40 -22.87 19.30 25.03
N CYS C 41 -21.84 20.09 24.69
CA CYS C 41 -20.46 19.67 24.95
C CYS C 41 -20.16 19.60 26.45
N GLU C 42 -20.24 20.75 27.14
CA GLU C 42 -19.95 20.71 28.58
C GLU C 42 -21.08 20.07 29.38
N ALA C 43 -22.21 19.75 28.75
CA ALA C 43 -23.23 18.97 29.45
C ALA C 43 -22.83 17.50 29.57
N HIS C 44 -22.20 16.95 28.53
CA HIS C 44 -21.81 15.55 28.51
C HIS C 44 -20.33 15.33 28.78
N ALA C 45 -19.61 16.37 29.20
CA ALA C 45 -18.17 16.22 29.42
C ALA C 45 -17.84 15.26 30.56
N LYS C 46 -18.81 14.93 31.40
CA LYS C 46 -18.53 14.08 32.56
C LYS C 46 -18.48 12.60 32.22
N GLU C 47 -18.88 12.22 31.01
CA GLU C 47 -18.88 10.82 30.57
C GLU C 47 -17.92 10.61 29.40
N ASP C 48 -16.74 11.24 29.45
CA ASP C 48 -15.76 11.17 28.37
C ASP C 48 -14.45 10.60 28.91
N PRO C 49 -14.28 9.28 28.90
CA PRO C 49 -12.98 8.72 29.32
C PRO C 49 -11.82 9.22 28.50
N LEU C 50 -12.02 9.44 27.19
CA LEU C 50 -10.93 9.95 26.37
C LEU C 50 -10.59 11.40 26.74
N LEU C 51 -11.61 12.23 26.96
CA LEU C 51 -11.37 13.62 27.33
C LEU C 51 -10.67 13.71 28.68
N THR C 52 -11.10 12.92 29.65
CA THR C 52 -10.51 12.90 30.99
C THR C 52 -10.08 11.47 31.29
N PRO C 53 -8.80 11.20 31.55
CA PRO C 53 -8.39 9.81 31.79
C PRO C 53 -9.14 9.20 32.97
N VAL C 54 -9.45 7.92 32.84
CA VAL C 54 -10.17 7.16 33.86
C VAL C 54 -9.17 6.23 34.55
N PRO C 55 -9.19 6.11 35.88
CA PRO C 55 -8.21 5.25 36.55
C PRO C 55 -8.46 3.78 36.25
N ALA C 56 -7.44 2.97 36.57
CA ALA C 56 -7.50 1.54 36.27
C ALA C 56 -8.55 0.82 37.11
N SER C 57 -9.09 1.47 38.15
CA SER C 57 -10.08 0.81 38.99
C SER C 57 -11.29 0.36 38.19
N GLU C 58 -11.60 1.05 37.10
CA GLU C 58 -12.71 0.68 36.23
C GLU C 58 -12.34 0.61 34.75
N ASN C 59 -11.13 0.97 34.37
CA ASN C 59 -10.72 0.92 32.97
C ASN C 59 -10.53 -0.53 32.54
N PRO C 60 -11.24 -1.00 31.51
CA PRO C 60 -11.04 -2.39 31.06
C PRO C 60 -9.80 -2.59 30.21
N PHE C 61 -9.12 -1.54 29.79
CA PHE C 61 -7.94 -1.63 28.95
C PHE C 61 -6.71 -1.25 29.77
N ARG C 62 -5.74 -2.16 29.82
CA ARG C 62 -4.50 -1.91 30.55
C ARG C 62 -3.33 -2.59 29.86
N GLN D 2 -18.77 27.20 -3.17
CA GLN D 2 -18.67 26.15 -4.22
C GLN D 2 -17.57 26.49 -5.22
N VAL D 3 -16.88 25.46 -5.70
CA VAL D 3 -15.82 25.65 -6.69
C VAL D 3 -16.44 25.74 -8.07
N GLN D 4 -16.04 26.76 -8.83
CA GLN D 4 -16.59 27.00 -10.16
C GLN D 4 -15.47 27.40 -11.10
N LEU D 5 -15.50 26.85 -12.32
CA LEU D 5 -14.57 27.19 -13.38
C LEU D 5 -15.35 27.76 -14.55
N GLN D 6 -14.98 28.97 -14.98
CA GLN D 6 -15.67 29.66 -16.06
C GLN D 6 -14.71 29.91 -17.20
N GLU D 7 -15.08 29.46 -18.40
CA GLU D 7 -14.29 29.73 -19.60
C GLU D 7 -14.81 30.99 -20.28
N SER D 8 -13.89 31.70 -20.95
CA SER D 8 -14.22 32.95 -21.61
C SER D 8 -13.45 33.03 -22.92
N GLY D 9 -13.95 33.87 -23.83
CA GLY D 9 -13.35 34.03 -25.12
C GLY D 9 -13.77 32.96 -26.11
N GLY D 10 -13.24 33.06 -27.31
CA GLY D 10 -13.55 32.10 -28.36
C GLY D 10 -14.74 32.52 -29.19
N GLY D 11 -14.76 32.04 -30.44
CA GLY D 11 -15.84 32.36 -31.33
C GLY D 11 -15.49 31.93 -32.75
N LEU D 12 -16.32 32.37 -33.69
CA LEU D 12 -16.10 32.06 -35.10
C LEU D 12 -14.94 32.88 -35.64
N VAL D 13 -14.02 32.21 -36.32
CA VAL D 13 -12.85 32.87 -36.90
C VAL D 13 -12.42 32.08 -38.13
N GLN D 14 -12.02 32.80 -39.18
CA GLN D 14 -11.59 32.17 -40.40
C GLN D 14 -10.25 31.45 -40.19
N PRO D 15 -9.96 30.44 -40.99
CA PRO D 15 -8.68 29.72 -40.84
C PRO D 15 -7.49 30.66 -41.00
N GLY D 16 -6.45 30.40 -40.24
CA GLY D 16 -5.25 31.22 -40.25
C GLY D 16 -5.26 32.38 -39.29
N GLY D 17 -6.35 32.59 -38.57
CA GLY D 17 -6.45 33.67 -37.60
C GLY D 17 -5.89 33.28 -36.25
N SER D 18 -6.27 34.06 -35.24
CA SER D 18 -5.85 33.80 -33.87
C SER D 18 -7.03 34.04 -32.93
N LEU D 19 -7.02 33.33 -31.80
CA LEU D 19 -8.06 33.45 -30.78
C LEU D 19 -7.42 33.37 -29.41
N ARG D 20 -8.05 34.03 -28.44
CA ARG D 20 -7.58 34.05 -27.06
C ARG D 20 -8.66 33.44 -26.17
N LEU D 21 -8.30 32.40 -25.42
CA LEU D 21 -9.19 31.74 -24.49
C LEU D 21 -8.64 31.90 -23.07
N SER D 22 -9.50 32.35 -22.16
CA SER D 22 -9.12 32.57 -20.76
C SER D 22 -10.04 31.77 -19.86
N CYS D 23 -9.45 31.13 -18.85
CA CYS D 23 -10.19 30.35 -17.86
C CYS D 23 -10.08 31.03 -16.51
N ALA D 24 -11.22 31.23 -15.85
CA ALA D 24 -11.29 31.91 -14.56
C ALA D 24 -11.52 30.87 -13.47
N ALA D 25 -10.69 30.91 -12.42
CA ALA D 25 -10.77 29.98 -11.32
C ALA D 25 -11.15 30.70 -10.04
N SER D 26 -12.00 30.06 -9.23
CA SER D 26 -12.44 30.64 -7.98
C SER D 26 -12.84 29.51 -7.04
N GLY D 27 -12.87 29.82 -5.74
CA GLY D 27 -13.29 28.89 -4.73
C GLY D 27 -12.22 27.93 -4.24
N PHE D 28 -10.99 28.05 -4.74
CA PHE D 28 -9.92 27.15 -4.34
C PHE D 28 -8.58 27.84 -4.60
N THR D 29 -7.53 27.27 -4.01
CA THR D 29 -6.17 27.76 -4.20
C THR D 29 -5.69 27.35 -5.59
N PHE D 30 -5.68 28.30 -6.52
CA PHE D 30 -5.31 27.97 -7.90
C PHE D 30 -3.87 27.51 -8.01
N SER D 31 -2.99 27.97 -7.12
CA SER D 31 -1.57 27.66 -7.24
C SER D 31 -1.24 26.24 -6.82
N ASN D 32 -2.14 25.55 -6.13
CA ASN D 32 -1.87 24.22 -5.59
C ASN D 32 -2.42 23.10 -6.44
N TYR D 33 -2.96 23.40 -7.63
CA TYR D 33 -3.57 22.39 -8.48
C TYR D 33 -3.05 22.50 -9.90
N LYS D 34 -2.84 21.36 -10.54
CA LYS D 34 -2.45 21.32 -11.95
C LYS D 34 -3.66 21.63 -12.83
N MET D 35 -3.39 22.29 -13.96
CA MET D 35 -4.43 22.72 -14.88
C MET D 35 -4.26 22.01 -16.22
N ASN D 36 -5.39 21.68 -16.84
CA ASN D 36 -5.41 20.98 -18.12
C ASN D 36 -6.42 21.63 -19.05
N TRP D 37 -6.19 21.47 -20.35
CA TRP D 37 -7.10 21.92 -21.39
C TRP D 37 -7.59 20.73 -22.19
N VAL D 38 -8.90 20.63 -22.39
CA VAL D 38 -9.50 19.56 -23.17
C VAL D 38 -10.50 20.16 -24.15
N ARG D 39 -10.77 19.41 -25.22
CA ARG D 39 -11.71 19.84 -26.24
C ARG D 39 -12.58 18.65 -26.65
N GLN D 40 -13.75 18.96 -27.19
CA GLN D 40 -14.70 17.93 -27.63
C GLN D 40 -15.26 18.37 -28.98
N ALA D 41 -14.73 17.79 -30.05
CA ALA D 41 -15.24 18.09 -31.38
C ALA D 41 -16.64 17.49 -31.56
N PRO D 42 -17.47 18.08 -32.42
CA PRO D 42 -18.82 17.53 -32.61
C PRO D 42 -18.77 16.10 -33.10
N GLY D 43 -19.69 15.28 -32.57
CA GLY D 43 -19.73 13.88 -32.93
C GLY D 43 -18.56 13.05 -32.44
N LYS D 44 -17.72 13.61 -31.58
CA LYS D 44 -16.53 12.92 -31.08
C LYS D 44 -16.45 13.11 -29.57
N GLY D 45 -15.75 12.19 -28.92
CA GLY D 45 -15.58 12.23 -27.48
C GLY D 45 -14.52 13.23 -27.06
N LEU D 46 -14.39 13.37 -25.74
CA LEU D 46 -13.43 14.30 -25.17
C LEU D 46 -12.00 13.84 -25.45
N GLU D 47 -11.09 14.80 -25.59
CA GLU D 47 -9.69 14.51 -25.83
C GLU D 47 -8.84 15.57 -25.14
N TRP D 48 -7.69 15.13 -24.63
CA TRP D 48 -6.76 16.04 -23.96
C TRP D 48 -6.02 16.90 -24.98
N VAL D 49 -5.73 18.13 -24.57
CA VAL D 49 -5.05 19.09 -25.44
C VAL D 49 -3.69 19.45 -24.87
N SER D 50 -3.68 20.05 -23.67
CA SER D 50 -2.43 20.47 -23.06
C SER D 50 -2.64 20.62 -21.56
N ASP D 51 -1.53 20.66 -20.82
CA ASP D 51 -1.55 20.84 -19.39
C ASP D 51 -0.34 21.65 -18.96
N ILE D 52 -0.46 22.30 -17.80
CA ILE D 52 0.60 23.12 -17.25
C ILE D 52 0.74 22.80 -15.76
N SER D 53 1.99 22.71 -15.29
CA SER D 53 2.24 22.37 -13.90
C SER D 53 1.78 23.51 -12.99
N GLN D 54 1.91 23.29 -11.68
CA GLN D 54 1.47 24.30 -10.72
C GLN D 54 2.29 25.58 -10.86
N SER D 55 3.60 25.46 -11.00
CA SER D 55 4.47 26.61 -11.13
C SER D 55 4.70 27.03 -12.58
N GLY D 56 4.21 26.24 -13.54
CA GLY D 56 4.39 26.56 -14.95
C GLY D 56 5.73 26.17 -15.52
N ALA D 57 6.62 25.57 -14.73
CA ALA D 57 7.92 25.17 -15.25
C ALA D 57 7.78 24.10 -16.34
N SER D 58 6.90 23.13 -16.13
CA SER D 58 6.69 22.04 -17.09
C SER D 58 5.44 22.31 -17.89
N ILE D 59 5.57 22.31 -19.22
CA ILE D 59 4.47 22.55 -20.13
C ILE D 59 4.54 21.51 -21.25
N SER D 60 3.39 20.95 -21.60
CA SER D 60 3.30 19.95 -22.64
C SER D 60 2.10 20.24 -23.53
N TYR D 61 2.19 19.81 -24.78
CA TYR D 61 1.12 20.00 -25.76
C TYR D 61 0.96 18.73 -26.58
N THR D 62 -0.25 18.53 -27.11
CA THR D 62 -0.51 17.41 -27.98
C THR D 62 0.22 17.59 -29.31
N GLY D 63 0.55 16.47 -29.95
CA GLY D 63 1.29 16.54 -31.21
C GLY D 63 0.56 17.33 -32.27
N SER D 64 -0.77 17.16 -32.35
CA SER D 64 -1.55 17.85 -33.37
C SER D 64 -1.52 19.37 -33.20
N VAL D 65 -1.25 19.85 -31.99
CA VAL D 65 -1.23 21.28 -31.70
C VAL D 65 0.13 21.75 -31.21
N LYS D 66 1.11 20.86 -31.08
CA LYS D 66 2.42 21.26 -30.61
C LYS D 66 3.05 22.27 -31.57
N GLY D 67 3.59 23.35 -31.02
CA GLY D 67 4.21 24.39 -31.80
C GLY D 67 3.26 25.47 -32.29
N ARG D 68 1.95 25.23 -32.23
CA ARG D 68 0.97 26.21 -32.68
C ARG D 68 0.36 26.98 -31.51
N PHE D 69 -0.17 26.26 -30.53
CA PHE D 69 -0.83 26.87 -29.39
C PHE D 69 0.17 27.06 -28.25
N THR D 70 -0.27 27.83 -27.24
CA THR D 70 0.55 28.09 -26.07
C THR D 70 -0.37 28.32 -24.88
N ILE D 71 0.10 27.90 -23.70
CA ILE D 71 -0.67 28.02 -22.47
C ILE D 71 0.21 28.64 -21.40
N SER D 72 -0.44 29.35 -20.47
CA SER D 72 0.27 30.00 -19.37
C SER D 72 -0.72 30.23 -18.24
N ARG D 73 -0.18 30.47 -17.04
CA ARG D 73 -0.99 30.69 -15.86
C ARG D 73 -0.41 31.82 -15.04
N ASP D 74 -1.25 32.45 -14.24
CA ASP D 74 -0.84 33.54 -13.35
C ASP D 74 -1.60 33.37 -12.02
N ASN D 75 -0.92 32.79 -11.04
CA ASN D 75 -1.56 32.53 -9.75
C ASN D 75 -2.04 33.80 -9.07
N ALA D 76 -1.46 34.95 -9.40
CA ALA D 76 -1.89 36.20 -8.80
C ALA D 76 -3.31 36.57 -9.20
N LYS D 77 -3.83 36.00 -10.29
CA LYS D 77 -5.17 36.27 -10.76
C LYS D 77 -6.03 35.03 -10.87
N ASN D 78 -5.49 33.84 -10.56
CA ASN D 78 -6.23 32.59 -10.66
C ASN D 78 -6.84 32.43 -12.05
N THR D 79 -6.03 32.73 -13.07
CA THR D 79 -6.46 32.68 -14.46
C THR D 79 -5.54 31.77 -15.25
N LEU D 80 -6.12 31.02 -16.19
CA LEU D 80 -5.38 30.15 -17.08
C LEU D 80 -5.70 30.52 -18.52
N TYR D 81 -4.68 30.51 -19.37
CA TYR D 81 -4.81 30.98 -20.74
C TYR D 81 -4.38 29.90 -21.72
N LEU D 82 -4.98 29.95 -22.91
CA LEU D 82 -4.60 29.06 -24.01
C LEU D 82 -4.64 29.88 -25.29
N GLN D 83 -3.48 30.27 -25.80
CA GLN D 83 -3.37 31.10 -26.98
C GLN D 83 -3.41 30.21 -28.22
N MET D 84 -4.32 30.51 -29.13
CA MET D 84 -4.50 29.73 -30.36
C MET D 84 -4.17 30.59 -31.56
N ASN D 85 -3.42 30.03 -32.50
CA ASN D 85 -3.06 30.74 -33.72
C ASN D 85 -2.97 29.73 -34.86
N SER D 86 -3.11 30.22 -36.08
CA SER D 86 -3.08 29.38 -37.29
C SER D 86 -4.14 28.30 -37.20
N LEU D 87 -5.39 28.73 -37.12
CA LEU D 87 -6.51 27.81 -36.98
C LEU D 87 -6.64 26.94 -38.23
N LYS D 88 -7.15 25.74 -38.03
CA LYS D 88 -7.39 24.75 -39.08
C LYS D 88 -8.81 24.25 -38.98
N PRO D 89 -9.38 23.74 -40.08
CA PRO D 89 -10.79 23.35 -40.04
C PRO D 89 -11.11 22.26 -39.03
N GLU D 90 -10.12 21.46 -38.64
CA GLU D 90 -10.34 20.41 -37.65
C GLU D 90 -10.31 20.95 -36.22
N ASP D 91 -9.94 22.21 -36.01
CA ASP D 91 -9.85 22.77 -34.67
C ASP D 91 -11.22 23.06 -34.06
N THR D 92 -12.28 23.08 -34.87
CA THR D 92 -13.61 23.37 -34.35
C THR D 92 -13.99 22.36 -33.29
N ALA D 93 -14.26 22.84 -32.07
CA ALA D 93 -14.63 21.98 -30.95
C ALA D 93 -14.93 22.86 -29.76
N VAL D 94 -15.64 22.29 -28.79
CA VAL D 94 -15.95 22.97 -27.54
C VAL D 94 -14.80 22.71 -26.57
N TYR D 95 -14.21 23.78 -26.06
CA TYR D 95 -13.03 23.69 -25.19
C TYR D 95 -13.45 23.85 -23.74
N TYR D 96 -13.04 22.90 -22.90
CA TYR D 96 -13.35 22.92 -21.48
C TYR D 96 -12.07 23.13 -20.67
N CYS D 97 -12.19 23.89 -19.59
CA CYS D 97 -11.08 24.14 -18.67
C CYS D 97 -11.28 23.26 -17.44
N ALA D 98 -10.46 22.21 -17.32
CA ALA D 98 -10.60 21.23 -16.26
C ALA D 98 -9.40 21.29 -15.32
N ARG D 99 -9.64 20.95 -14.06
CA ARG D 99 -8.63 21.02 -13.02
C ARG D 99 -8.26 19.61 -12.55
N CYS D 100 -6.99 19.43 -12.22
CA CYS D 100 -6.53 18.12 -11.78
C CYS D 100 -7.20 17.78 -10.44
N PRO D 101 -7.67 16.54 -10.26
CA PRO D 101 -8.53 16.26 -9.09
C PRO D 101 -7.89 16.56 -7.75
N ALA D 102 -6.58 16.36 -7.58
CA ALA D 102 -5.96 16.48 -6.28
C ALA D 102 -4.77 17.44 -6.34
N PRO D 103 -4.43 18.08 -5.22
CA PRO D 103 -3.30 18.98 -5.19
C PRO D 103 -2.01 18.27 -4.78
N PHE D 104 -0.89 18.99 -4.98
CA PHE D 104 0.42 18.50 -4.56
C PHE D 104 0.71 17.12 -5.15
N THR D 105 0.27 16.91 -6.38
CA THR D 105 0.50 15.65 -7.06
C THR D 105 0.60 15.91 -8.56
N ARG D 106 1.40 15.09 -9.24
CA ARG D 106 1.58 15.19 -10.68
C ARG D 106 0.69 14.23 -11.47
N ASP D 107 -0.14 13.46 -10.78
CA ASP D 107 -1.03 12.51 -11.44
C ASP D 107 -2.43 13.09 -11.53
N CYS D 108 -3.04 12.97 -12.71
CA CYS D 108 -4.43 13.38 -12.94
C CYS D 108 -5.10 12.31 -13.77
N PHE D 109 -6.14 11.69 -13.20
CA PHE D 109 -6.74 10.48 -13.78
C PHE D 109 -7.99 10.76 -14.60
N ASP D 110 -8.99 11.40 -14.00
CA ASP D 110 -10.34 11.45 -14.56
C ASP D 110 -10.63 12.81 -15.20
N VAL D 111 -9.62 13.41 -15.83
CA VAL D 111 -9.81 14.73 -16.43
C VAL D 111 -10.83 14.66 -17.56
N THR D 112 -10.75 13.63 -18.41
CA THR D 112 -11.55 13.55 -19.63
C THR D 112 -12.49 12.36 -19.67
N SER D 113 -12.91 11.83 -18.52
CA SER D 113 -13.77 10.66 -18.52
C SER D 113 -15.25 11.05 -18.59
N THR D 114 -15.59 11.97 -19.49
CA THR D 114 -16.95 12.25 -19.93
C THR D 114 -17.90 12.63 -18.79
N THR D 115 -17.41 12.68 -17.54
CA THR D 115 -18.29 13.02 -16.43
C THR D 115 -17.57 13.89 -15.39
N TYR D 116 -16.40 14.43 -15.71
CA TYR D 116 -15.61 15.13 -14.71
C TYR D 116 -16.35 16.35 -14.19
N ALA D 117 -16.56 16.39 -12.87
CA ALA D 117 -17.27 17.50 -12.25
C ALA D 117 -16.39 18.74 -12.13
N TYR D 118 -15.08 18.57 -11.99
CA TYR D 118 -14.17 19.69 -11.76
C TYR D 118 -13.70 20.28 -13.10
N ARG D 119 -14.66 20.74 -13.89
CA ARG D 119 -14.37 21.43 -15.13
C ARG D 119 -15.48 22.44 -15.39
N GLY D 120 -15.15 23.46 -16.17
CA GLY D 120 -16.08 24.53 -16.47
C GLY D 120 -17.06 24.17 -17.56
N GLN D 121 -17.95 25.11 -17.84
CA GLN D 121 -18.98 24.89 -18.87
C GLN D 121 -18.36 24.85 -20.26
N GLY D 122 -17.34 25.66 -20.52
CA GLY D 122 -16.68 25.69 -21.81
C GLY D 122 -17.29 26.71 -22.76
N THR D 123 -16.60 26.89 -23.89
CA THR D 123 -17.01 27.83 -24.91
C THR D 123 -16.92 27.16 -26.28
N GLN D 124 -17.72 27.67 -27.21
CA GLN D 124 -17.78 27.13 -28.56
C GLN D 124 -16.73 27.80 -29.44
N VAL D 125 -15.95 26.99 -30.15
CA VAL D 125 -14.94 27.47 -31.08
C VAL D 125 -15.30 26.90 -32.46
N THR D 126 -15.45 27.79 -33.44
CA THR D 126 -15.84 27.41 -34.79
C THR D 126 -14.93 28.08 -35.81
N VAL D 127 -14.69 27.38 -36.91
CA VAL D 127 -13.88 27.90 -38.01
C VAL D 127 -14.59 27.59 -39.32
N SER D 128 -14.65 28.57 -40.21
CA SER D 128 -15.30 28.39 -41.49
C SER D 128 -14.69 29.37 -42.50
N SER D 129 -14.90 29.07 -43.77
CA SER D 129 -14.38 29.91 -44.85
C SER D 129 -15.03 31.29 -44.81
N SER E 170 48.34 -10.50 30.29
CA SER E 170 48.50 -9.03 30.49
C SER E 170 47.17 -8.38 30.79
N GLY E 171 47.21 -7.23 31.47
CA GLY E 171 45.98 -6.52 31.78
C GLY E 171 45.28 -5.97 30.55
N TRP E 172 46.07 -5.41 29.63
CA TRP E 172 45.47 -4.80 28.43
C TRP E 172 44.77 -5.83 27.57
N VAL E 173 45.42 -6.98 27.33
CA VAL E 173 44.80 -8.02 26.53
C VAL E 173 43.59 -8.60 27.25
N ALA E 174 43.67 -8.73 28.58
CA ALA E 174 42.53 -9.21 29.34
C ALA E 174 41.33 -8.28 29.18
N ALA E 175 41.57 -6.97 29.28
CA ALA E 175 40.48 -6.01 29.10
C ALA E 175 39.93 -6.05 27.68
N ALA E 176 40.82 -6.19 26.69
CA ALA E 176 40.37 -6.27 25.30
C ALA E 176 39.47 -7.49 25.09
N LEU E 177 39.88 -8.64 25.62
CA LEU E 177 39.07 -9.84 25.48
C LEU E 177 37.74 -9.70 26.23
N CYS E 178 37.78 -9.09 27.41
CA CYS E 178 36.53 -8.90 28.17
C CYS E 178 35.55 -8.03 27.40
N VAL E 179 36.03 -6.92 26.85
CA VAL E 179 35.14 -6.04 26.09
C VAL E 179 34.65 -6.73 24.82
N VAL E 180 35.52 -7.54 24.19
CA VAL E 180 35.11 -8.25 22.99
C VAL E 180 33.98 -9.23 23.29
N ILE E 181 34.12 -10.00 24.37
CA ILE E 181 33.10 -10.97 24.71
C ILE E 181 31.82 -10.27 25.15
N ALA E 182 31.95 -9.16 25.88
CA ALA E 182 30.76 -8.40 26.27
C ALA E 182 30.02 -7.89 25.05
N LEU E 183 30.75 -7.36 24.07
CA LEU E 183 30.12 -6.88 22.84
C LEU E 183 29.45 -8.03 22.10
N THR E 184 30.13 -9.18 22.03
CA THR E 184 29.54 -10.35 21.38
C THR E 184 28.20 -10.71 22.02
N ALA E 185 28.20 -10.86 23.34
CA ALA E 185 26.99 -11.26 24.04
C ALA E 185 25.88 -10.22 23.85
N ALA E 186 26.22 -8.94 23.99
CA ALA E 186 25.21 -7.89 23.87
C ALA E 186 24.61 -7.87 22.47
N ALA E 187 25.45 -7.95 21.44
CA ALA E 187 24.97 -7.92 20.07
C ALA E 187 24.09 -9.13 19.78
N ASN E 188 24.52 -10.32 20.20
CA ASN E 188 23.73 -11.51 19.95
C ASN E 188 22.38 -11.44 20.64
N SER E 189 22.37 -11.03 21.91
CA SER E 189 21.11 -10.93 22.64
C SER E 189 20.19 -9.91 22.00
N LEU E 190 20.75 -8.76 21.61
CA LEU E 190 19.94 -7.73 20.97
C LEU E 190 19.33 -8.23 19.67
N LEU E 191 20.12 -8.94 18.86
CA LEU E 191 19.61 -9.45 17.59
C LEU E 191 18.50 -10.46 17.82
N ILE E 192 18.70 -11.39 18.76
CA ILE E 192 17.68 -12.42 19.02
C ILE E 192 16.41 -11.77 19.52
N ALA E 193 16.52 -10.82 20.46
CA ALA E 193 15.34 -10.16 20.99
C ALA E 193 14.61 -9.38 19.90
N LEU E 194 15.36 -8.67 19.06
CA LEU E 194 14.75 -7.89 17.99
C LEU E 194 14.02 -8.79 17.01
N ILE E 195 14.61 -9.93 16.67
CA ILE E 195 13.96 -10.86 15.74
C ILE E 195 12.69 -11.44 16.37
N CYS E 196 12.79 -11.88 17.62
CA CYS E 196 11.67 -12.56 18.24
C CYS E 196 10.50 -11.62 18.50
N THR E 197 10.78 -10.42 19.00
CA THR E 197 9.70 -9.53 19.43
C THR E 197 8.84 -9.09 18.24
N GLN E 198 9.44 -8.80 17.10
CA GLN E 198 8.72 -8.24 15.97
C GLN E 198 8.13 -9.37 15.13
N PRO E 199 6.81 -9.42 14.90
CA PRO E 199 6.26 -10.47 14.04
C PRO E 199 6.59 -10.27 12.57
N ALA E 200 6.89 -9.03 12.14
CA ALA E 200 7.18 -8.79 10.73
C ALA E 200 8.43 -9.53 10.29
N LEU E 201 9.44 -9.62 11.14
CA LEU E 201 10.68 -10.31 10.79
C LEU E 201 10.55 -11.83 10.89
N ARG E 202 9.44 -12.34 11.41
CA ARG E 202 9.24 -13.79 11.50
C ARG E 202 9.00 -14.35 10.11
N ASN E 203 10.03 -14.98 9.54
CA ASN E 203 9.94 -15.56 8.21
C ASN E 203 10.76 -16.84 8.17
N THR E 204 10.45 -17.69 7.18
CA THR E 204 11.18 -18.94 7.03
C THR E 204 12.67 -18.67 6.79
N SER E 205 12.98 -17.67 5.98
CA SER E 205 14.37 -17.33 5.72
C SER E 205 15.07 -16.87 7.00
N ASN E 206 14.36 -16.08 7.82
CA ASN E 206 14.95 -15.58 9.05
C ASN E 206 15.18 -16.68 10.07
N PHE E 207 14.62 -17.88 9.85
CA PHE E 207 14.86 -18.99 10.77
C PHE E 207 16.34 -19.34 10.83
N PHE E 208 16.98 -19.41 9.66
CA PHE E 208 18.41 -19.70 9.63
C PHE E 208 19.21 -18.61 10.32
N LEU E 209 18.85 -17.35 10.11
CA LEU E 209 19.59 -16.25 10.72
C LEU E 209 19.46 -16.28 12.24
N VAL E 210 18.25 -16.52 12.74
CA VAL E 210 18.06 -16.57 14.19
C VAL E 210 18.78 -17.77 14.78
N SER E 211 18.78 -18.90 14.05
CA SER E 211 19.53 -20.06 14.52
C SER E 211 21.02 -19.74 14.60
N LEU E 212 21.56 -19.06 13.59
CA LEU E 212 22.97 -18.69 13.60
C LEU E 212 23.28 -17.75 14.76
N PHE E 213 22.40 -16.78 15.00
CA PHE E 213 22.62 -15.85 16.10
C PHE E 213 22.58 -16.56 17.45
N THR E 214 21.64 -17.49 17.62
CA THR E 214 21.59 -18.28 18.85
C THR E 214 22.85 -19.11 19.01
N SER E 215 23.33 -19.70 17.91
CA SER E 215 24.56 -20.48 17.97
C SER E 215 25.74 -19.60 18.39
N ASP E 216 25.82 -18.39 17.83
CA ASP E 216 26.91 -17.48 18.19
C ASP E 216 26.82 -17.08 19.66
N LEU E 217 25.61 -16.83 20.16
CA LEU E 217 25.45 -16.52 21.57
C LEU E 217 25.91 -17.68 22.44
N MET E 218 25.55 -18.90 22.06
CA MET E 218 25.96 -20.07 22.83
C MET E 218 27.47 -20.24 22.80
N VAL E 219 28.09 -20.00 21.64
CA VAL E 219 29.55 -20.03 21.56
C VAL E 219 30.16 -19.02 22.54
N GLY E 220 29.68 -17.78 22.48
CA GLY E 220 30.24 -16.75 23.35
C GLY E 220 30.04 -17.09 24.82
N LEU E 221 28.93 -17.75 25.15
CA LEU E 221 28.67 -18.08 26.55
C LEU E 221 29.52 -19.26 27.02
N VAL E 222 29.78 -20.22 26.14
CA VAL E 222 30.37 -21.49 26.54
C VAL E 222 31.87 -21.53 26.30
N VAL E 223 32.31 -21.31 25.07
CA VAL E 223 33.70 -21.59 24.70
C VAL E 223 34.62 -20.42 24.97
N MET E 224 34.14 -19.19 24.77
CA MET E 224 35.01 -18.02 24.92
C MET E 224 35.54 -17.86 26.34
N PRO E 225 34.73 -17.96 27.39
CA PRO E 225 35.23 -17.66 28.74
C PRO E 225 36.31 -18.63 29.19
N PRO E 226 36.11 -19.94 29.00
CA PRO E 226 37.21 -20.86 29.34
C PRO E 226 38.48 -20.58 28.55
N ALA E 227 38.35 -20.23 27.27
CA ALA E 227 39.53 -19.96 26.46
C ALA E 227 40.29 -18.75 26.98
N MET E 228 39.58 -17.65 27.26
CA MET E 228 40.25 -16.46 27.77
C MET E 228 40.83 -16.70 29.15
N LEU E 229 40.13 -17.47 29.99
CA LEU E 229 40.67 -17.79 31.31
C LEU E 229 41.96 -18.58 31.20
N ASN E 230 41.99 -19.57 30.31
CA ASN E 230 43.20 -20.36 30.11
C ASN E 230 44.33 -19.48 29.57
N ALA E 231 44.02 -18.60 28.62
CA ALA E 231 45.04 -17.73 28.05
C ALA E 231 45.64 -16.82 29.12
N LEU E 232 44.79 -16.21 29.94
CA LEU E 232 45.29 -15.29 30.97
C LEU E 232 46.08 -16.04 32.03
N TYR E 233 45.52 -17.12 32.57
CA TYR E 233 46.21 -17.88 33.61
C TYR E 233 47.40 -18.63 33.03
N GLY E 234 47.25 -19.19 31.82
CA GLY E 234 48.28 -20.02 31.23
C GLY E 234 48.27 -21.46 31.68
N ARG E 235 47.39 -21.83 32.61
CA ARG E 235 47.28 -23.19 33.09
C ARG E 235 45.80 -23.56 33.19
N TRP E 236 45.50 -24.83 32.96
CA TRP E 236 44.13 -25.33 33.03
C TRP E 236 43.80 -25.60 34.51
N VAL E 237 42.84 -24.86 35.04
CA VAL E 237 42.46 -24.96 36.45
C VAL E 237 41.18 -25.76 36.63
N LEU E 238 40.85 -26.63 35.67
CA LEU E 238 39.65 -27.44 35.73
C LEU E 238 40.01 -28.89 35.42
N ALA E 239 38.99 -29.76 35.41
CA ALA E 239 39.21 -31.17 35.18
C ALA E 239 39.65 -31.43 33.74
N ARG E 240 40.45 -32.47 33.56
CA ARG E 240 40.91 -32.84 32.21
C ARG E 240 39.73 -33.28 31.34
N GLY E 241 38.80 -34.06 31.90
CA GLY E 241 37.61 -34.41 31.15
C GLY E 241 36.82 -33.18 30.75
N LEU E 242 36.79 -32.17 31.63
CA LEU E 242 36.15 -30.91 31.27
C LEU E 242 36.86 -30.24 30.11
N CYS E 243 38.20 -30.31 30.07
CA CYS E 243 38.93 -29.77 28.93
C CYS E 243 38.57 -30.51 27.65
N LEU E 244 38.47 -31.84 27.72
CA LEU E 244 38.09 -32.62 26.54
C LEU E 244 36.70 -32.22 26.07
N LEU E 245 35.75 -32.08 27.00
CA LEU E 245 34.40 -31.65 26.63
C LEU E 245 34.42 -30.25 26.04
N TRP E 246 35.25 -29.36 26.58
CA TRP E 246 35.34 -28.00 26.05
C TRP E 246 35.87 -28.00 24.62
N THR E 247 36.90 -28.81 24.35
CA THR E 247 37.43 -28.90 22.99
C THR E 247 36.39 -29.47 22.03
N ALA E 248 35.69 -30.52 22.45
CA ALA E 248 34.64 -31.08 21.60
C ALA E 248 33.54 -30.07 21.34
N PHE E 249 33.16 -29.32 22.37
CA PHE E 249 32.15 -28.29 22.20
C PHE E 249 32.62 -27.19 21.26
N ASP E 250 33.89 -26.79 21.35
CA ASP E 250 34.41 -25.79 20.42
C ASP E 250 34.35 -26.29 18.99
N VAL E 251 34.75 -27.55 18.77
CA VAL E 251 34.69 -28.12 17.43
C VAL E 251 33.26 -28.12 16.91
N MET E 252 32.33 -28.59 17.74
CA MET E 252 30.92 -28.62 17.33
C MET E 252 30.40 -27.23 17.06
N CYS E 253 30.79 -26.25 17.90
CA CYS E 253 30.32 -24.89 17.74
C CYS E 253 30.76 -24.32 16.40
N CYS E 254 32.04 -24.44 16.09
CA CYS E 254 32.54 -23.92 14.81
C CYS E 254 31.92 -24.64 13.62
N SER E 255 31.80 -25.97 13.71
CA SER E 255 31.18 -26.71 12.61
C SER E 255 29.73 -26.28 12.40
N ALA E 256 28.98 -26.10 13.50
CA ALA E 256 27.60 -25.68 13.40
C ALA E 256 27.48 -24.28 12.84
N SER E 257 28.37 -23.37 13.24
CA SER E 257 28.34 -22.02 12.69
C SER E 257 28.60 -22.03 11.19
N ILE E 258 29.60 -22.79 10.75
CA ILE E 258 29.90 -22.86 9.32
C ILE E 258 28.72 -23.46 8.57
N LEU E 259 28.13 -24.52 9.10
CA LEU E 259 27.00 -25.16 8.44
C LEU E 259 25.80 -24.22 8.38
N ASN E 260 25.57 -23.44 9.43
CA ASN E 260 24.46 -22.48 9.42
C ASN E 260 24.70 -21.39 8.38
N LEU E 261 25.95 -20.92 8.26
CA LEU E 261 26.26 -19.95 7.21
C LEU E 261 26.01 -20.54 5.83
N CYS E 262 26.42 -21.80 5.62
CA CYS E 262 26.17 -22.45 4.34
C CYS E 262 24.68 -22.60 4.07
N LEU E 263 23.89 -22.95 5.09
CA LEU E 263 22.45 -23.07 4.91
C LEU E 263 21.82 -21.72 4.58
N ILE E 264 22.29 -20.64 5.22
CA ILE E 264 21.78 -19.31 4.89
C ILE E 264 22.10 -18.99 3.43
N SER E 265 23.32 -19.30 2.99
CA SER E 265 23.68 -19.05 1.60
C SER E 265 22.78 -19.85 0.66
N LEU E 266 22.51 -21.11 1.00
CA LEU E 266 21.65 -21.94 0.15
C LEU E 266 20.24 -21.40 0.11
N ASP E 267 19.72 -20.94 1.25
CA ASP E 267 18.38 -20.36 1.29
C ASP E 267 18.31 -19.12 0.42
N ARG E 268 19.33 -18.26 0.50
CA ARG E 268 19.36 -17.07 -0.35
C ARG E 268 19.41 -17.47 -1.83
N TYR E 269 20.20 -18.49 -2.15
CA TYR E 269 20.27 -18.96 -3.53
C TYR E 269 18.90 -19.42 -4.01
N LEU E 270 18.20 -20.20 -3.18
CA LEU E 270 16.89 -20.70 -3.58
C LEU E 270 15.90 -19.55 -3.76
N LEU E 271 15.93 -18.57 -2.85
CA LEU E 271 15.03 -17.44 -2.97
C LEU E 271 15.31 -16.64 -4.25
N ILE E 272 16.58 -16.38 -4.55
CA ILE E 272 16.92 -15.53 -5.69
C ILE E 272 16.69 -16.26 -6.99
N LEU E 273 17.32 -17.42 -7.18
CA LEU E 273 17.26 -18.14 -8.45
C LEU E 273 15.92 -18.79 -8.71
N SER E 274 15.03 -18.84 -7.73
CA SER E 274 13.72 -19.46 -7.91
C SER E 274 12.71 -18.86 -6.95
N PRO E 275 12.29 -17.60 -7.14
CA PRO E 275 11.30 -17.02 -6.22
C PRO E 275 9.94 -17.69 -6.31
N LEU E 276 9.43 -17.89 -7.53
CA LEU E 276 8.12 -18.50 -7.69
C LEU E 276 8.09 -19.92 -7.15
N ARG E 277 9.15 -20.69 -7.37
CA ARG E 277 9.22 -22.07 -6.91
C ARG E 277 9.78 -22.19 -5.49
N TYR E 278 10.16 -21.07 -4.86
CA TYR E 278 10.72 -21.14 -3.52
C TYR E 278 9.72 -21.71 -2.53
N LYS E 279 8.48 -21.26 -2.58
CA LYS E 279 7.48 -21.72 -1.63
C LYS E 279 7.25 -23.23 -1.75
N LEU E 280 7.18 -23.73 -2.97
CA LEU E 280 7.00 -25.17 -3.18
C LEU E 280 8.23 -25.97 -2.78
N ARG E 281 9.43 -25.46 -3.08
CA ARG E 281 10.67 -26.19 -2.83
C ARG E 281 11.23 -25.95 -1.43
N MET E 282 10.69 -24.99 -0.68
CA MET E 282 11.17 -24.71 0.67
C MET E 282 9.95 -24.43 1.55
N THR E 283 9.66 -25.35 2.46
CA THR E 283 8.60 -25.21 3.43
C THR E 283 9.18 -25.14 4.84
N PRO E 284 8.44 -24.62 5.82
CA PRO E 284 8.98 -24.56 7.18
C PRO E 284 9.44 -25.90 7.71
N LEU E 285 8.72 -26.98 7.37
CA LEU E 285 9.15 -28.31 7.77
C LEU E 285 10.51 -28.64 7.16
N ARG E 286 10.70 -28.30 5.88
CA ARG E 286 11.98 -28.57 5.23
C ARG E 286 13.11 -27.79 5.89
N ALA E 287 12.86 -26.52 6.20
CA ALA E 287 13.89 -25.71 6.86
C ALA E 287 14.25 -26.26 8.23
N LEU E 288 13.23 -26.65 9.01
CA LEU E 288 13.49 -27.23 10.31
C LEU E 288 14.28 -28.52 10.19
N ALA E 289 13.91 -29.37 9.23
CA ALA E 289 14.62 -30.62 9.03
C ALA E 289 16.08 -30.38 8.65
N LEU E 290 16.31 -29.41 7.76
CA LEU E 290 17.67 -29.10 7.36
C LEU E 290 18.49 -28.58 8.54
N VAL E 291 17.91 -27.70 9.35
CA VAL E 291 18.63 -27.16 10.50
C VAL E 291 18.97 -28.28 11.49
N LEU E 292 17.99 -29.13 11.78
CA LEU E 292 18.23 -30.23 12.71
C LEU E 292 19.29 -31.19 12.16
N GLY E 293 19.24 -31.47 10.86
CA GLY E 293 20.23 -32.34 10.27
C GLY E 293 21.63 -31.76 10.33
N ALA E 294 21.76 -30.46 10.08
CA ALA E 294 23.06 -29.82 10.17
C ALA E 294 23.58 -29.87 11.60
N TRP E 295 22.72 -29.58 12.58
CA TRP E 295 23.15 -29.63 13.97
C TRP E 295 23.58 -31.04 14.37
N SER E 296 22.80 -32.04 13.95
CA SER E 296 23.15 -33.43 14.27
C SER E 296 24.46 -33.84 13.60
N LEU E 297 24.66 -33.42 12.36
CA LEU E 297 25.91 -33.74 11.67
C LEU E 297 27.10 -33.11 12.39
N ALA E 298 26.96 -31.84 12.82
CA ALA E 298 28.04 -31.21 13.57
C ALA E 298 28.30 -31.95 14.88
N ALA E 299 27.25 -32.30 15.60
CA ALA E 299 27.42 -33.00 16.87
C ALA E 299 28.11 -34.34 16.66
N LEU E 300 27.71 -35.08 15.62
CA LEU E 300 28.34 -36.35 15.33
C LEU E 300 29.81 -36.16 14.99
N ALA E 301 30.10 -35.27 14.03
CA ALA E 301 31.49 -35.05 13.64
C ALA E 301 32.34 -34.63 14.82
N SER E 302 31.75 -33.97 15.82
CA SER E 302 32.53 -33.53 16.97
C SER E 302 32.72 -34.64 17.99
N PHE E 303 31.69 -35.42 18.26
CA PHE E 303 31.70 -36.32 19.41
C PHE E 303 32.03 -37.78 19.06
N LEU E 304 31.77 -38.22 17.83
CA LEU E 304 32.00 -39.62 17.48
C LEU E 304 33.43 -40.05 17.77
N PRO E 305 34.48 -39.31 17.39
CA PRO E 305 35.83 -39.74 17.76
C PRO E 305 36.04 -39.87 19.26
N LEU E 306 35.39 -39.01 20.05
CA LEU E 306 35.50 -39.11 21.50
C LEU E 306 34.79 -40.36 22.02
N LEU E 307 33.56 -40.59 21.54
CA LEU E 307 32.78 -41.73 22.03
C LEU E 307 33.46 -43.04 21.66
N LEU E 308 33.83 -43.21 20.39
CA LEU E 308 34.46 -44.43 19.92
C LEU E 308 35.97 -44.42 20.08
N GLY E 309 36.55 -43.31 20.52
CA GLY E 309 37.99 -43.28 20.79
C GLY E 309 38.86 -43.45 19.56
N TRP E 310 38.50 -42.80 18.45
CA TRP E 310 39.35 -42.83 17.27
C TRP E 310 40.62 -42.01 17.48
N HIS E 311 40.68 -41.19 18.54
CA HIS E 311 41.87 -40.40 18.80
C HIS E 311 43.09 -41.28 19.07
N GLU E 312 42.89 -42.42 19.72
CA GLU E 312 44.01 -43.28 20.05
C GLU E 312 44.76 -43.75 18.81
N LEU E 313 44.05 -43.90 17.69
CA LEU E 313 44.71 -44.34 16.45
C LEU E 313 45.76 -43.35 15.99
N GLY E 314 45.61 -42.07 16.35
CA GLY E 314 46.57 -41.05 15.94
C GLY E 314 47.74 -40.94 16.88
N HIS E 315 48.89 -41.48 16.49
CA HIS E 315 50.10 -41.42 17.28
C HIS E 315 50.91 -40.15 17.04
N ALA E 316 50.52 -39.32 16.08
CA ALA E 316 51.27 -38.10 15.80
C ALA E 316 51.14 -37.07 16.92
N ARG E 317 50.22 -37.28 17.85
CA ARG E 317 50.01 -36.33 18.93
C ARG E 317 51.25 -36.27 19.81
N PRO E 318 51.87 -35.10 19.99
CA PRO E 318 53.00 -35.01 20.91
C PRO E 318 52.53 -35.21 22.34
N PRO E 319 53.41 -35.66 23.24
CA PRO E 319 53.01 -35.83 24.63
C PRO E 319 52.52 -34.52 25.23
N VAL E 320 51.49 -34.63 26.08
CA VAL E 320 50.88 -33.46 26.70
C VAL E 320 51.82 -32.92 27.77
N PRO E 321 52.22 -31.65 27.70
CA PRO E 321 53.07 -31.08 28.75
C PRO E 321 52.30 -30.53 29.95
N GLY E 322 51.04 -30.91 30.12
CA GLY E 322 50.18 -30.36 31.15
C GLY E 322 49.15 -29.38 30.65
N GLN E 323 49.29 -28.90 29.42
CA GLN E 323 48.30 -28.02 28.78
C GLN E 323 47.62 -28.81 27.68
N CYS E 324 46.32 -29.02 27.81
CA CYS E 324 45.57 -29.80 26.84
C CYS E 324 45.20 -28.95 25.63
N ARG E 325 45.37 -29.52 24.44
CA ARG E 325 45.11 -28.81 23.20
C ARG E 325 44.44 -29.78 22.22
N LEU E 326 44.06 -29.23 21.07
CA LEU E 326 43.35 -30.02 20.07
C LEU E 326 44.27 -31.07 19.45
N LEU E 327 43.68 -32.21 19.08
CA LEU E 327 44.43 -33.27 18.41
C LEU E 327 44.87 -32.81 17.03
N ALA E 328 45.97 -33.41 16.55
CA ALA E 328 46.54 -33.02 15.26
C ALA E 328 46.90 -34.20 14.38
N SER E 329 46.42 -35.41 14.68
CA SER E 329 46.68 -36.55 13.81
C SER E 329 46.16 -36.28 12.40
N LEU E 330 46.95 -36.63 11.40
CA LEU E 330 46.68 -36.26 10.01
C LEU E 330 45.30 -36.71 9.56
N PRO E 331 44.92 -37.98 9.76
CA PRO E 331 43.62 -38.44 9.22
C PRO E 331 42.44 -37.66 9.77
N PHE E 332 42.29 -37.68 11.11
CA PHE E 332 41.12 -36.99 11.73
C PHE E 332 41.13 -35.49 11.41
N VAL E 333 42.28 -34.83 11.59
CA VAL E 333 42.30 -33.39 11.37
C VAL E 333 41.94 -33.06 9.93
N LEU E 334 42.53 -33.79 8.97
CA LEU E 334 42.21 -33.54 7.57
C LEU E 334 40.73 -33.76 7.29
N VAL E 335 40.19 -34.89 7.75
CA VAL E 335 38.79 -35.21 7.45
C VAL E 335 37.87 -34.16 8.05
N ALA E 336 38.09 -33.82 9.32
CA ALA E 336 37.22 -32.86 9.98
C ALA E 336 37.31 -31.49 9.34
N SER E 337 38.54 -30.99 9.12
CA SER E 337 38.70 -29.67 8.52
C SER E 337 38.04 -29.63 7.15
N GLY E 338 38.30 -30.64 6.31
CA GLY E 338 37.64 -30.70 5.02
C GLY E 338 36.14 -30.61 5.18
N LEU E 339 35.55 -31.63 5.80
CA LEU E 339 34.09 -31.75 5.83
C LEU E 339 33.43 -30.53 6.46
N THR E 340 34.11 -29.84 7.37
CA THR E 340 33.48 -28.77 8.13
C THR E 340 33.79 -27.38 7.61
N PHE E 341 34.80 -27.21 6.75
CA PHE E 341 35.14 -25.87 6.30
C PHE E 341 35.25 -25.76 4.79
N PHE E 342 35.80 -26.78 4.12
CA PHE E 342 36.14 -26.62 2.71
C PHE E 342 34.92 -26.83 1.82
N LEU E 343 34.19 -27.93 2.00
CA LEU E 343 32.98 -28.14 1.22
C LEU E 343 31.96 -27.04 1.46
N PRO E 344 31.66 -26.64 2.70
CA PRO E 344 30.79 -25.46 2.88
C PRO E 344 31.35 -24.21 2.23
N SER E 345 32.66 -24.02 2.29
CA SER E 345 33.27 -22.85 1.65
C SER E 345 33.06 -22.87 0.14
N GLY E 346 33.28 -24.04 -0.48
CA GLY E 346 33.05 -24.14 -1.90
C GLY E 346 31.59 -23.91 -2.27
N ALA E 347 30.67 -24.46 -1.49
CA ALA E 347 29.25 -24.25 -1.74
C ALA E 347 28.89 -22.77 -1.65
N ILE E 348 29.42 -22.09 -0.62
CA ILE E 348 29.14 -20.67 -0.45
C ILE E 348 29.71 -19.87 -1.62
N CYS E 349 30.93 -20.20 -2.04
CA CYS E 349 31.54 -19.50 -3.17
C CYS E 349 30.71 -19.69 -4.43
N PHE E 350 30.27 -20.91 -4.69
CA PHE E 350 29.46 -21.18 -5.88
C PHE E 350 28.14 -20.41 -5.82
N THR E 351 27.49 -20.43 -4.65
CA THR E 351 26.23 -19.72 -4.48
C THR E 351 26.40 -18.22 -4.76
N TYR E 352 27.40 -17.60 -4.14
CA TYR E 352 27.59 -16.18 -4.31
C TYR E 352 28.07 -15.82 -5.70
N CYS E 353 28.82 -16.71 -6.37
CA CYS E 353 29.18 -16.47 -7.75
C CYS E 353 27.94 -16.45 -8.64
N ARG E 354 27.03 -17.40 -8.45
CA ARG E 354 25.78 -17.38 -9.22
C ARG E 354 24.97 -16.14 -8.92
N ILE E 355 24.92 -15.73 -7.64
CA ILE E 355 24.17 -14.54 -7.26
C ILE E 355 24.75 -13.32 -7.95
N LEU E 356 26.08 -13.20 -7.96
CA LEU E 356 26.73 -12.06 -8.62
C LEU E 356 26.47 -12.08 -10.12
N LEU E 357 26.51 -13.25 -10.73
CA LEU E 357 26.25 -13.35 -12.17
C LEU E 357 24.83 -12.87 -12.48
N ALA E 358 23.85 -13.33 -11.70
CA ALA E 358 22.48 -12.91 -11.91
C ALA E 358 22.33 -11.41 -11.70
N ALA E 359 22.98 -10.87 -10.67
CA ALA E 359 22.89 -9.45 -10.39
C ALA E 359 23.47 -8.62 -11.54
N ARG E 360 24.62 -9.05 -12.07
CA ARG E 360 25.23 -8.32 -13.18
C ARG E 360 24.35 -8.40 -14.43
N LYS E 361 23.81 -9.58 -14.72
CA LYS E 361 22.90 -9.73 -15.85
C LYS E 361 21.72 -8.77 -15.71
N GLN E 362 21.14 -8.71 -14.52
CA GLN E 362 19.96 -7.88 -14.30
C GLN E 362 20.31 -6.40 -14.34
N ALA E 363 21.50 -6.03 -13.86
CA ALA E 363 21.94 -4.64 -13.93
C ALA E 363 22.12 -4.20 -15.38
N VAL E 364 22.74 -5.04 -16.21
CA VAL E 364 22.89 -4.66 -17.62
C VAL E 364 21.53 -4.64 -18.30
N GLN E 365 20.63 -5.55 -17.94
CA GLN E 365 19.29 -5.52 -18.50
C GLN E 365 18.58 -4.21 -18.17
N VAL E 366 18.68 -3.76 -16.92
CA VAL E 366 18.05 -2.52 -16.52
C VAL E 366 18.69 -1.33 -17.24
N ALA E 367 20.02 -1.32 -17.33
CA ALA E 367 20.71 -0.24 -18.00
C ALA E 367 20.43 -0.23 -19.50
N SER E 368 19.95 -1.34 -20.05
CA SER E 368 19.60 -1.36 -21.48
C SER E 368 18.50 -0.35 -21.81
N LEU E 369 17.72 0.09 -20.83
CA LEU E 369 16.67 1.07 -21.06
C LEU E 369 17.22 2.47 -20.85
N THR E 370 16.92 3.36 -21.79
CA THR E 370 17.38 4.74 -21.75
C THR E 370 16.21 5.68 -21.99
N THR E 371 16.24 6.83 -21.33
CA THR E 371 15.18 7.83 -21.46
C THR E 371 15.21 8.45 -22.85
N ALA E 407 26.48 -0.22 -9.75
CA ALA E 407 27.18 -1.45 -10.13
C ALA E 407 28.21 -1.83 -9.08
N LEU E 408 29.04 -0.85 -8.69
CA LEU E 408 30.06 -1.09 -7.69
C LEU E 408 29.47 -1.44 -6.34
N LYS E 409 28.21 -1.06 -6.09
CA LYS E 409 27.63 -1.24 -4.76
C LYS E 409 27.41 -2.72 -4.44
N ALA E 410 26.78 -3.46 -5.35
CA ALA E 410 26.55 -4.88 -5.11
C ALA E 410 27.86 -5.66 -5.07
N SER E 411 28.81 -5.26 -5.93
CA SER E 411 30.12 -5.89 -5.90
C SER E 411 30.79 -5.68 -4.56
N LEU E 412 30.71 -4.46 -4.02
CA LEU E 412 31.27 -4.19 -2.69
C LEU E 412 30.58 -5.03 -1.63
N THR E 413 29.24 -5.12 -1.70
CA THR E 413 28.50 -5.93 -0.75
C THR E 413 29.02 -7.36 -0.71
N LEU E 414 28.98 -8.04 -1.88
CA LEU E 414 29.38 -9.44 -1.91
C LEU E 414 30.85 -9.61 -1.59
N GLY E 415 31.69 -8.68 -2.05
CA GLY E 415 33.10 -8.76 -1.75
C GLY E 415 33.38 -8.70 -0.26
N ILE E 416 32.75 -7.75 0.43
CA ILE E 416 32.91 -7.67 1.89
C ILE E 416 32.42 -8.95 2.54
N LEU E 417 31.23 -9.42 2.14
CA LEU E 417 30.65 -10.58 2.78
C LEU E 417 31.55 -11.80 2.67
N LEU E 418 32.12 -12.03 1.47
CA LEU E 418 32.99 -13.18 1.28
C LEU E 418 34.35 -12.97 1.92
N GLY E 419 34.91 -11.76 1.76
CA GLY E 419 36.28 -11.52 2.20
C GLY E 419 36.44 -11.56 3.70
N MET E 420 35.47 -10.98 4.43
CA MET E 420 35.56 -11.03 5.88
C MET E 420 35.68 -12.48 6.35
N PHE E 421 34.74 -13.32 5.90
CA PHE E 421 34.72 -14.72 6.32
C PHE E 421 36.01 -15.43 5.92
N PHE E 422 36.44 -15.27 4.66
CA PHE E 422 37.62 -15.99 4.20
C PHE E 422 38.87 -15.55 4.95
N VAL E 423 39.11 -14.23 5.00
CA VAL E 423 40.31 -13.73 5.65
C VAL E 423 40.35 -14.13 7.11
N THR E 424 39.18 -14.14 7.77
CA THR E 424 39.17 -14.47 9.19
C THR E 424 39.36 -15.97 9.43
N TRP E 425 38.75 -16.82 8.60
CA TRP E 425 38.74 -18.25 8.90
C TRP E 425 39.94 -19.00 8.31
N LEU E 426 40.30 -18.72 7.05
CA LEU E 426 41.37 -19.48 6.40
C LEU E 426 42.67 -19.51 7.20
N PRO E 427 43.13 -18.41 7.80
CA PRO E 427 44.40 -18.47 8.54
C PRO E 427 44.42 -19.52 9.63
N PHE E 428 43.33 -19.67 10.38
CA PHE E 428 43.30 -20.64 11.46
C PHE E 428 43.41 -22.06 10.90
N PHE E 429 42.69 -22.35 9.83
CA PHE E 429 42.71 -23.71 9.28
C PHE E 429 44.04 -24.03 8.64
N VAL E 430 44.66 -23.07 7.97
CA VAL E 430 45.99 -23.33 7.41
C VAL E 430 47.01 -23.52 8.53
N ALA E 431 46.86 -22.78 9.62
CA ALA E 431 47.73 -23.00 10.79
C ALA E 431 47.53 -24.39 11.36
N ASN E 432 46.27 -24.84 11.43
CA ASN E 432 46.00 -26.19 11.93
C ASN E 432 46.62 -27.24 11.02
N ILE E 433 46.54 -27.05 9.70
CA ILE E 433 47.17 -27.97 8.77
C ILE E 433 48.68 -27.98 8.97
N VAL E 434 49.27 -26.80 9.18
CA VAL E 434 50.70 -26.71 9.44
C VAL E 434 51.05 -27.49 10.70
N GLN E 435 50.21 -27.37 11.73
CA GLN E 435 50.42 -28.15 12.95
C GLN E 435 50.31 -29.65 12.66
N ALA E 436 49.47 -30.03 11.71
CA ALA E 436 49.26 -31.44 11.41
C ALA E 436 50.56 -32.12 11.00
N VAL E 437 51.43 -31.39 10.30
CA VAL E 437 52.71 -31.95 9.87
C VAL E 437 53.76 -31.69 10.94
N CYS E 438 53.34 -31.26 12.12
CA CYS E 438 54.23 -31.05 13.26
C CYS E 438 55.28 -29.99 12.97
N ASP E 439 54.93 -28.99 12.18
CA ASP E 439 55.86 -27.90 11.90
C ASP E 439 56.03 -27.02 13.13
N CYS E 440 57.21 -26.41 13.25
CA CYS E 440 57.52 -25.56 14.39
C CYS E 440 56.92 -24.18 14.21
N ILE E 441 56.19 -23.71 15.22
CA ILE E 441 55.58 -22.39 15.19
C ILE E 441 55.34 -21.94 16.62
N SER E 442 55.40 -20.63 16.84
CA SER E 442 55.17 -20.07 18.16
C SER E 442 53.72 -20.30 18.58
N PRO E 443 53.44 -20.87 19.76
CA PRO E 443 52.04 -21.04 20.17
C PRO E 443 51.28 -19.73 20.26
N GLY E 444 51.98 -18.63 20.56
CA GLY E 444 51.30 -17.35 20.65
C GLY E 444 50.59 -16.98 19.36
N LEU E 445 51.22 -17.25 18.22
CA LEU E 445 50.58 -16.95 16.93
C LEU E 445 49.34 -17.82 16.72
N PHE E 446 49.40 -19.09 17.14
CA PHE E 446 48.23 -19.96 17.04
C PHE E 446 47.09 -19.42 17.90
N ASP E 447 47.40 -19.00 19.12
CA ASP E 447 46.37 -18.41 19.97
C ASP E 447 45.80 -17.13 19.35
N VAL E 448 46.67 -16.33 18.73
CA VAL E 448 46.21 -15.10 18.09
C VAL E 448 45.25 -15.43 16.95
N LEU E 449 45.57 -16.46 16.15
CA LEU E 449 44.68 -16.86 15.07
C LEU E 449 43.35 -17.37 15.59
N THR E 450 43.39 -18.16 16.68
CA THR E 450 42.15 -18.66 17.27
C THR E 450 41.30 -17.50 17.78
N TRP E 451 41.93 -16.51 18.41
CA TRP E 451 41.19 -15.35 18.89
C TRP E 451 40.66 -14.52 17.74
N LEU E 452 41.37 -14.51 16.60
CA LEU E 452 40.86 -13.86 15.41
C LEU E 452 39.60 -14.58 14.90
N GLY E 453 39.60 -15.91 14.95
CA GLY E 453 38.40 -16.65 14.60
C GLY E 453 37.24 -16.34 15.53
N TYR E 454 37.52 -16.23 16.82
CA TYR E 454 36.48 -15.84 17.77
C TYR E 454 35.99 -14.42 17.50
N CYS E 455 36.89 -13.52 17.13
CA CYS E 455 36.47 -12.18 16.74
C CYS E 455 35.59 -12.21 15.50
N ASN E 456 35.88 -13.12 14.58
CA ASN E 456 35.00 -13.34 13.43
C ASN E 456 33.61 -13.77 13.89
N SER E 457 33.57 -14.72 14.84
CA SER E 457 32.28 -15.16 15.36
C SER E 457 31.53 -13.99 16.00
N THR E 458 32.24 -13.11 16.70
CA THR E 458 31.60 -11.93 17.28
C THR E 458 31.12 -10.96 16.21
N MET E 459 31.88 -10.80 15.13
CA MET E 459 31.59 -9.78 14.14
C MET E 459 30.44 -10.19 13.22
N ASN E 460 30.37 -11.48 12.88
CA ASN E 460 29.41 -11.93 11.87
C ASN E 460 27.97 -11.54 12.17
N PRO E 461 27.46 -11.70 13.40
CA PRO E 461 26.03 -11.39 13.62
C PRO E 461 25.63 -9.98 13.27
N ILE E 462 26.50 -8.99 13.49
CA ILE E 462 26.10 -7.60 13.32
C ILE E 462 26.25 -7.11 11.88
N ILE E 463 26.99 -7.82 11.04
CA ILE E 463 27.15 -7.39 9.65
C ILE E 463 25.85 -7.59 8.88
N TYR E 464 25.18 -8.73 9.09
CA TYR E 464 24.00 -9.05 8.30
C TYR E 464 22.87 -8.02 8.47
N PRO E 465 22.51 -7.58 9.68
CA PRO E 465 21.43 -6.59 9.79
C PRO E 465 21.68 -5.35 8.96
N LEU E 466 22.94 -4.89 8.87
CA LEU E 466 23.25 -3.74 8.03
C LEU E 466 23.02 -4.01 6.56
N PHE E 467 22.99 -5.28 6.15
CA PHE E 467 22.89 -5.66 4.76
C PHE E 467 21.52 -6.21 4.37
N MET E 468 20.53 -6.14 5.25
CA MET E 468 19.15 -6.48 4.94
C MET E 468 18.28 -5.33 5.43
N ARG E 469 17.62 -4.64 4.49
CA ARG E 469 16.92 -3.41 4.83
C ARG E 469 15.73 -3.64 5.75
N ASP E 470 15.19 -4.85 5.82
CA ASP E 470 14.16 -5.14 6.81
C ASP E 470 14.72 -4.98 8.22
N PHE E 471 15.87 -5.60 8.48
CA PHE E 471 16.51 -5.44 9.78
C PHE E 471 16.93 -3.99 10.00
N LYS E 472 17.38 -3.31 8.94
CA LYS E 472 17.79 -1.92 9.08
C LYS E 472 16.62 -1.05 9.52
N ARG E 473 15.45 -1.23 8.89
CA ARG E 473 14.28 -0.46 9.28
C ARG E 473 13.79 -0.84 10.67
N ALA E 474 13.86 -2.13 11.02
CA ALA E 474 13.48 -2.53 12.38
C ALA E 474 14.37 -1.86 13.42
N LEU E 475 15.68 -1.84 13.17
CA LEU E 475 16.60 -1.17 14.08
C LEU E 475 16.32 0.33 14.14
N GLY E 476 16.05 0.94 12.99
CA GLY E 476 15.73 2.35 12.98
C GLY E 476 14.47 2.68 13.76
N ARG E 477 13.49 1.78 13.75
CA ARG E 477 12.26 1.97 14.50
C ARG E 477 12.44 1.69 15.99
N PHE E 478 13.32 0.76 16.37
CA PHE E 478 13.43 0.32 17.76
C PHE E 478 14.51 1.04 18.56
N LEU E 479 15.72 1.13 18.02
CA LEU E 479 16.88 1.56 18.80
C LEU E 479 16.92 3.06 19.04
N PRO E 480 16.64 3.91 18.04
CA PRO E 480 16.73 5.36 18.29
C PRO E 480 15.80 5.86 19.38
N CYS E 481 14.60 5.30 19.50
CA CYS E 481 13.62 5.86 20.44
C CYS E 481 14.11 5.83 21.88
N PRO E 482 14.64 4.72 22.41
CA PRO E 482 15.24 4.76 23.74
C PRO E 482 16.26 5.88 23.92
#